data_6RJK
#
_entry.id   6RJK
#
_cell.length_a   64.240
_cell.length_b   80.390
_cell.length_c   184.620
_cell.angle_alpha   90.00
_cell.angle_beta   90.00
_cell.angle_gamma   90.00
#
_symmetry.space_group_name_H-M   'P 21 21 21'
#
loop_
_entity.id
_entity.type
_entity.pdbx_description
1 polymer Beta-glucosidase
2 water water
#
_entity_poly.entity_id   1
_entity_poly.type   'polypeptide(L)'
_entity_poly.pdbx_seq_one_letter_code
;MGSSHHHHHHSSGLVPRGSHMLEMDDERAYPMTDHKALAARFPGDFLFGVATASFQIEGATKVDGRKPSIWDAFCNMPGH
VFGRHNGDVACDHYNRWEDDLDLIKEMGVEAYRFSIAWPRIIPDGFGPINEKGLDFYDRLVDGCKARGIKTYATLYHWDL
PLTLMGDGGWASRSTAHAFQRYAKTVMARLGDRLDAVATFNEPWCAVWLSHLYGIHAPGERNMEAALAAMHHINLAHGFG
VEASRHVAPKVPVGLVLNAHSVIPASNSDADMKAAERAFQFHNGAFFDPVFKGEYPAEMIEALGSRMPVVEAEDLSIISQ
KLDWWGLNYYTPMRVADDATEGAEFPATKQAPAVSDVKTDIGWEVYAPALHSLVETLYERYELPDCYITENGACYNMGVE
NGEVDDQPRLDYYAEHLGIVADLVKDGYPMRGYFAWSLMDNFEWAEGYRMRFGLVHVDYETQVRTLKNSGKWYSALASGF
PKGNHGVMKG
;
_entity_poly.pdbx_strand_id   A,B
#
# COMPACT_ATOMS: atom_id res chain seq x y z
N ALA A 29 -60.42 16.53 10.83
CA ALA A 29 -58.96 16.63 10.66
C ALA A 29 -58.57 17.45 9.42
N TYR A 30 -57.47 18.19 9.57
CA TYR A 30 -57.02 19.15 8.57
C TYR A 30 -55.61 18.76 8.13
N PRO A 31 -55.17 19.22 6.94
CA PRO A 31 -53.89 18.76 6.37
C PRO A 31 -52.70 19.05 7.30
N MET A 32 -51.74 18.13 7.34
CA MET A 32 -50.56 18.27 8.18
C MET A 32 -49.34 17.88 7.35
N THR A 33 -48.22 18.56 7.56
CA THR A 33 -46.99 18.18 6.85
C THR A 33 -46.54 16.78 7.25
N ASP A 34 -45.82 16.11 6.36
CA ASP A 34 -45.32 14.77 6.65
C ASP A 34 -44.38 14.74 7.86
N HIS A 35 -43.50 15.73 7.97
CA HIS A 35 -42.56 15.76 9.08
C HIS A 35 -43.24 15.94 10.44
N LYS A 36 -44.37 16.65 10.45
CA LYS A 36 -45.07 16.86 11.71
C LYS A 36 -45.76 15.57 12.17
N ALA A 37 -46.31 14.83 11.23
CA ALA A 37 -46.97 13.58 11.60
C ALA A 37 -45.92 12.58 12.07
N LEU A 38 -44.80 12.53 11.35
CA LEU A 38 -43.73 11.59 11.69
C LEU A 38 -43.19 11.87 13.09
N ALA A 39 -42.96 13.14 13.39
CA ALA A 39 -42.39 13.52 14.69
C ALA A 39 -43.21 12.96 15.86
N ALA A 40 -44.52 12.86 15.67
CA ALA A 40 -45.41 12.38 16.73
C ALA A 40 -45.15 10.91 17.03
N ARG A 41 -44.50 10.22 16.09
CA ARG A 41 -44.24 8.80 16.25
C ARG A 41 -42.98 8.48 17.07
N PHE A 42 -42.21 9.51 17.43
CA PHE A 42 -40.99 9.30 18.21
C PHE A 42 -41.14 9.74 19.66
N PRO A 43 -40.48 9.02 20.58
CA PRO A 43 -40.49 9.39 21.99
C PRO A 43 -39.88 10.77 22.21
N GLY A 44 -40.29 11.45 23.26
CA GLY A 44 -39.85 12.81 23.52
C GLY A 44 -38.36 13.00 23.74
N ASP A 45 -37.66 11.95 24.14
CA ASP A 45 -36.24 12.09 24.41
C ASP A 45 -35.34 11.47 23.32
N PHE A 46 -35.96 11.17 22.18
CA PHE A 46 -35.24 10.58 21.04
C PHE A 46 -34.10 11.49 20.57
N LEU A 47 -32.95 10.88 20.26
CA LEU A 47 -31.79 11.65 19.86
C LEU A 47 -31.64 11.72 18.34
N PHE A 48 -31.65 12.92 17.78
CA PHE A 48 -31.41 13.07 16.34
C PHE A 48 -30.06 13.71 16.14
N GLY A 49 -29.31 13.27 15.14
CA GLY A 49 -27.99 13.81 14.88
C GLY A 49 -27.64 13.81 13.40
N VAL A 50 -26.44 14.29 13.09
CA VAL A 50 -25.89 14.20 11.73
C VAL A 50 -24.46 13.66 11.89
N ALA A 51 -23.94 13.02 10.86
CA ALA A 51 -22.67 12.30 10.99
C ALA A 51 -21.68 12.67 9.91
N THR A 52 -20.39 12.68 10.30
CA THR A 52 -19.28 12.88 9.37
C THR A 52 -18.13 11.93 9.74
N ALA A 53 -17.05 11.96 8.96
CA ALA A 53 -15.82 11.25 9.30
C ALA A 53 -14.64 12.17 8.97
N SER A 54 -13.55 12.05 9.71
CA SER A 54 -12.43 12.99 9.60
C SER A 54 -11.85 13.14 8.18
N PHE A 55 -11.39 12.05 7.57
CA PHE A 55 -10.79 12.13 6.24
C PHE A 55 -11.79 12.61 5.18
N GLN A 56 -13.08 12.38 5.40
CA GLN A 56 -14.07 12.75 4.39
C GLN A 56 -14.31 14.25 4.33
N ILE A 57 -14.01 14.97 5.40
CA ILE A 57 -14.38 16.38 5.45
C ILE A 57 -13.26 17.35 5.80
N GLU A 58 -12.23 16.88 6.50
CA GLU A 58 -11.32 17.80 7.15
C GLU A 58 -10.37 18.59 6.25
N GLY A 59 -9.76 17.92 5.27
CA GLY A 59 -8.72 18.56 4.48
C GLY A 59 -7.51 18.78 5.37
N ALA A 60 -6.70 19.80 5.05
CA ALA A 60 -5.52 20.13 5.86
C ALA A 60 -4.70 18.89 6.20
N THR A 61 -4.42 18.07 5.18
CA THR A 61 -3.79 16.77 5.39
C THR A 61 -2.31 16.83 5.79
N LYS A 62 -1.69 17.98 5.62
CA LYS A 62 -0.24 18.11 5.82
C LYS A 62 0.11 19.25 6.76
N VAL A 63 -0.81 19.63 7.63
CA VAL A 63 -0.52 20.73 8.54
C VAL A 63 -0.59 20.29 10.00
N ASP A 64 0.05 21.07 10.86
CA ASP A 64 -0.02 20.86 12.31
C ASP A 64 0.38 19.44 12.75
N GLY A 65 1.38 18.88 12.10
CA GLY A 65 1.94 17.62 12.53
C GLY A 65 1.31 16.36 11.98
N ARG A 66 0.25 16.50 11.18
CA ARG A 66 -0.42 15.31 10.63
C ARG A 66 0.50 14.63 9.61
N LYS A 67 0.53 13.31 9.64
CA LYS A 67 1.30 12.51 8.69
C LYS A 67 0.31 11.68 7.89
N PRO A 68 0.74 11.11 6.76
CA PRO A 68 -0.24 10.45 5.88
C PRO A 68 -0.94 9.25 6.51
N SER A 69 -2.17 9.03 6.06
CA SER A 69 -2.92 7.84 6.38
C SER A 69 -2.92 6.92 5.20
N ILE A 70 -3.35 5.69 5.40
CA ILE A 70 -3.45 4.74 4.30
C ILE A 70 -4.39 5.25 3.18
N TRP A 71 -5.32 6.13 3.52
CA TRP A 71 -6.21 6.69 2.49
C TRP A 71 -5.55 7.78 1.65
N ASP A 72 -4.56 8.48 2.22
CA ASP A 72 -3.81 9.43 1.40
C ASP A 72 -3.06 8.64 0.33
N ALA A 73 -2.50 7.51 0.72
CA ALA A 73 -1.75 6.66 -0.19
C ALA A 73 -2.69 6.07 -1.23
N PHE A 74 -3.82 5.54 -0.78
CA PHE A 74 -4.78 4.88 -1.64
C PHE A 74 -5.30 5.85 -2.69
N CYS A 75 -5.64 7.07 -2.26
CA CYS A 75 -6.21 8.09 -3.16
C CYS A 75 -5.24 8.48 -4.26
N ASN A 76 -3.98 8.61 -3.91
CA ASN A 76 -2.99 9.20 -4.81
C ASN A 76 -2.34 8.21 -5.77
N MET A 77 -2.65 6.93 -5.58
CA MET A 77 -2.18 5.89 -6.51
C MET A 77 -3.28 5.64 -7.53
N PRO A 78 -3.01 5.90 -8.82
CA PRO A 78 -4.03 5.76 -9.86
C PRO A 78 -4.70 4.39 -9.83
N GLY A 79 -6.00 4.36 -10.06
CA GLY A 79 -6.73 3.10 -10.07
C GLY A 79 -7.66 2.84 -8.89
N HIS A 80 -7.41 3.47 -7.75
CA HIS A 80 -8.17 3.11 -6.55
C HIS A 80 -9.40 3.99 -6.30
N VAL A 81 -9.29 5.26 -6.65
CA VAL A 81 -10.33 6.22 -6.31
C VAL A 81 -10.70 7.00 -7.57
N PHE A 82 -12.00 7.16 -7.81
CA PHE A 82 -12.48 7.97 -8.93
C PHE A 82 -11.78 9.33 -9.05
N GLY A 83 -11.37 9.65 -10.29
CA GLY A 83 -10.67 10.89 -10.60
C GLY A 83 -9.37 11.11 -9.86
N ARG A 84 -8.86 10.08 -9.20
CA ARG A 84 -7.75 10.24 -8.24
C ARG A 84 -8.06 11.31 -7.20
N HIS A 85 -9.33 11.50 -6.87
CA HIS A 85 -9.74 12.43 -5.85
C HIS A 85 -9.10 12.06 -4.53
N ASN A 86 -8.70 13.07 -3.74
CA ASN A 86 -8.07 12.80 -2.46
C ASN A 86 -8.66 13.67 -1.36
N GLY A 87 -8.12 13.55 -0.15
CA GLY A 87 -8.66 14.29 0.98
C GLY A 87 -7.91 15.58 1.29
N ASP A 88 -7.07 16.05 0.36
CA ASP A 88 -6.20 17.21 0.64
C ASP A 88 -7.00 18.42 1.05
N VAL A 89 -8.16 18.60 0.42
CA VAL A 89 -8.98 19.79 0.67
C VAL A 89 -10.33 19.42 1.23
N ALA A 90 -11.03 18.51 0.55
CA ALA A 90 -12.33 18.03 0.99
C ALA A 90 -13.27 19.20 1.28
N CYS A 91 -13.90 19.22 2.46
CA CYS A 91 -14.81 20.32 2.81
C CYS A 91 -14.14 21.43 3.61
N ASP A 92 -12.82 21.34 3.72
CA ASP A 92 -12.04 22.33 4.46
C ASP A 92 -12.57 22.50 5.89
N HIS A 93 -13.10 21.40 6.45
CA HIS A 93 -13.69 21.46 7.79
C HIS A 93 -12.65 21.79 8.87
N TYR A 94 -11.38 21.46 8.62
CA TYR A 94 -10.34 21.75 9.59
C TYR A 94 -10.25 23.26 9.83
N ASN A 95 -10.56 24.03 8.79
CA ASN A 95 -10.51 25.48 8.90
C ASN A 95 -11.88 26.12 9.11
N ARG A 96 -12.93 25.36 8.83
CA ARG A 96 -14.30 25.88 8.90
C ARG A 96 -15.18 25.19 9.93
N TRP A 97 -14.56 24.50 10.90
CA TRP A 97 -15.31 23.67 11.84
C TRP A 97 -16.35 24.47 12.65
N GLU A 98 -16.01 25.70 13.02
CA GLU A 98 -16.97 26.54 13.74
C GLU A 98 -18.19 26.92 12.90
N ASP A 99 -17.98 27.21 11.61
CA ASP A 99 -19.11 27.49 10.73
C ASP A 99 -20.01 26.27 10.65
N ASP A 100 -19.38 25.10 10.54
CA ASP A 100 -20.12 23.86 10.43
C ASP A 100 -20.94 23.55 11.70
N LEU A 101 -20.38 23.85 12.87
CA LEU A 101 -21.13 23.67 14.12
C LEU A 101 -22.28 24.67 14.21
N ASP A 102 -22.07 25.91 13.75
CA ASP A 102 -23.15 26.88 13.77
C ASP A 102 -24.29 26.42 12.87
N LEU A 103 -23.95 25.67 11.81
CA LEU A 103 -24.94 25.09 10.92
C LEU A 103 -25.79 24.02 11.62
N ILE A 104 -25.12 23.10 12.31
CA ILE A 104 -25.80 22.10 13.14
C ILE A 104 -26.75 22.78 14.10
N LYS A 105 -26.23 23.79 14.78
CA LYS A 105 -27.00 24.53 15.79
C LYS A 105 -28.24 25.16 15.16
N GLU A 106 -28.04 25.87 14.05
CA GLU A 106 -29.18 26.45 13.31
C GLU A 106 -30.20 25.43 12.88
N MET A 107 -29.74 24.23 12.53
CA MET A 107 -30.64 23.18 12.06
C MET A 107 -31.44 22.58 13.20
N GLY A 108 -31.06 22.90 14.42
CA GLY A 108 -31.77 22.39 15.59
C GLY A 108 -31.54 20.92 15.82
N VAL A 109 -30.44 20.42 15.30
CA VAL A 109 -30.09 19.01 15.46
C VAL A 109 -29.30 18.83 16.76
N GLU A 110 -29.73 17.89 17.59
CA GLU A 110 -29.15 17.74 18.94
C GLU A 110 -27.72 17.16 19.00
N ALA A 111 -27.39 16.21 18.12
CA ALA A 111 -26.13 15.46 18.29
C ALA A 111 -25.29 15.50 17.02
N TYR A 112 -23.98 15.40 17.21
CA TYR A 112 -23.04 15.37 16.08
C TYR A 112 -22.14 14.13 16.20
N ARG A 113 -22.20 13.25 15.20
CA ARG A 113 -21.31 12.11 15.14
C ARG A 113 -20.14 12.45 14.21
N PHE A 114 -18.92 12.36 14.74
CA PHE A 114 -17.72 12.71 13.97
C PHE A 114 -16.60 11.73 14.32
N SER A 115 -15.54 11.70 13.53
CA SER A 115 -14.39 10.86 13.88
C SER A 115 -13.12 11.64 14.16
N ILE A 116 -12.22 11.02 14.91
CA ILE A 116 -10.95 11.64 15.29
C ILE A 116 -9.84 11.03 14.45
N ALA A 117 -8.98 11.89 13.89
CA ALA A 117 -7.93 11.43 12.98
C ALA A 117 -6.70 10.96 13.75
N TRP A 118 -6.54 9.64 13.84
CA TRP A 118 -5.31 9.05 14.40
C TRP A 118 -4.06 9.67 13.79
N PRO A 119 -4.03 9.90 12.44
CA PRO A 119 -2.83 10.56 11.89
C PRO A 119 -2.53 11.96 12.43
N ARG A 120 -3.50 12.63 13.04
CA ARG A 120 -3.22 13.91 13.72
C ARG A 120 -2.74 13.73 15.16
N ILE A 121 -3.21 12.68 15.81
CA ILE A 121 -3.00 12.51 17.25
C ILE A 121 -1.69 11.81 17.56
N ILE A 122 -1.48 10.68 16.90
CA ILE A 122 -0.20 9.94 16.95
C ILE A 122 0.18 9.63 15.51
N PRO A 123 0.86 10.58 14.85
CA PRO A 123 1.06 10.62 13.39
C PRO A 123 1.78 9.42 12.79
N ASP A 124 2.72 8.81 13.52
CA ASP A 124 3.35 7.58 13.04
C ASP A 124 2.63 6.32 13.53
N GLY A 125 1.48 6.48 14.17
CA GLY A 125 0.72 5.33 14.63
C GLY A 125 1.17 4.97 16.02
N PHE A 126 2.41 4.52 16.13
CA PHE A 126 3.09 4.44 17.41
C PHE A 126 3.85 5.76 17.57
N GLY A 127 4.58 5.92 18.66
CA GLY A 127 5.49 7.05 18.79
C GLY A 127 4.92 8.24 19.53
N PRO A 128 5.55 9.42 19.39
CA PRO A 128 5.20 10.62 20.15
C PRO A 128 3.80 11.13 19.87
N ILE A 129 3.16 11.68 20.91
CA ILE A 129 1.83 12.27 20.80
C ILE A 129 1.93 13.67 20.21
N ASN A 130 1.06 13.99 19.25
CA ASN A 130 1.05 15.31 18.64
C ASN A 130 0.03 16.24 19.30
N GLU A 131 0.52 17.07 20.22
CA GLU A 131 -0.34 17.95 21.02
C GLU A 131 -1.25 18.81 20.15
N LYS A 132 -0.73 19.30 19.03
CA LYS A 132 -1.54 20.13 18.11
C LYS A 132 -2.74 19.36 17.57
N GLY A 133 -2.59 18.05 17.39
CA GLY A 133 -3.69 17.21 16.94
C GLY A 133 -4.78 17.13 17.99
N LEU A 134 -4.37 16.82 19.23
CA LEU A 134 -5.29 16.79 20.36
C LEU A 134 -6.00 18.12 20.59
N ASP A 135 -5.27 19.22 20.43
CA ASP A 135 -5.85 20.55 20.60
C ASP A 135 -7.01 20.79 19.66
N PHE A 136 -6.89 20.31 18.43
CA PHE A 136 -7.96 20.52 17.46
C PHE A 136 -9.26 19.91 17.93
N TYR A 137 -9.21 18.64 18.31
CA TYR A 137 -10.43 17.96 18.76
C TYR A 137 -10.90 18.47 20.12
N ASP A 138 -9.96 18.90 20.95
CA ASP A 138 -10.29 19.51 22.24
C ASP A 138 -11.15 20.74 21.98
N ARG A 139 -10.68 21.59 21.07
CA ARG A 139 -11.43 22.79 20.71
C ARG A 139 -12.77 22.47 20.03
N LEU A 140 -12.79 21.47 19.17
CA LEU A 140 -14.04 21.05 18.52
C LEU A 140 -15.09 20.63 19.56
N VAL A 141 -14.68 19.79 20.50
CA VAL A 141 -15.56 19.31 21.56
C VAL A 141 -16.06 20.45 22.45
N ASP A 142 -15.18 21.39 22.79
CA ASP A 142 -15.62 22.59 23.53
C ASP A 142 -16.63 23.40 22.72
N GLY A 143 -16.47 23.46 21.41
CA GLY A 143 -17.40 24.19 20.57
C GLY A 143 -18.77 23.54 20.58
N CYS A 144 -18.80 22.21 20.57
CA CYS A 144 -20.06 21.50 20.64
C CYS A 144 -20.74 21.76 21.97
N LYS A 145 -19.98 21.63 23.06
CA LYS A 145 -20.48 21.95 24.40
C LYS A 145 -21.08 23.34 24.45
N ALA A 146 -20.33 24.32 23.95
CA ALA A 146 -20.79 25.71 24.00
C ALA A 146 -22.12 25.90 23.28
N ARG A 147 -22.37 25.05 22.29
CA ARG A 147 -23.58 25.13 21.49
C ARG A 147 -24.68 24.16 21.91
N GLY A 148 -24.42 23.34 22.91
CA GLY A 148 -25.42 22.38 23.36
C GLY A 148 -25.55 21.19 22.43
N ILE A 149 -24.49 20.90 21.70
CA ILE A 149 -24.50 19.80 20.74
C ILE A 149 -23.83 18.57 21.35
N LYS A 150 -24.58 17.46 21.43
CA LYS A 150 -24.07 16.20 21.95
C LYS A 150 -22.99 15.61 21.03
N THR A 151 -21.93 15.10 21.63
CA THR A 151 -20.79 14.58 20.85
C THR A 151 -20.72 13.06 20.87
N TYR A 152 -20.81 12.47 19.68
CA TYR A 152 -20.64 11.03 19.49
C TYR A 152 -19.37 10.78 18.65
N ALA A 153 -18.24 10.59 19.34
CA ALA A 153 -16.95 10.47 18.66
C ALA A 153 -16.69 9.04 18.23
N THR A 154 -16.16 8.90 17.01
CA THR A 154 -15.68 7.61 16.50
C THR A 154 -14.15 7.66 16.54
N LEU A 155 -13.51 6.72 17.24
CA LEU A 155 -12.05 6.71 17.34
C LEU A 155 -11.37 6.30 16.02
N TYR A 156 -11.90 5.28 15.36
CA TYR A 156 -11.30 4.85 14.08
C TYR A 156 -12.31 4.77 12.94
N HIS A 157 -12.18 5.70 12.00
CA HIS A 157 -13.03 5.68 10.83
C HIS A 157 -12.12 5.63 9.60
N TRP A 158 -11.18 4.68 9.65
CA TRP A 158 -10.49 4.13 8.47
C TRP A 158 -9.16 4.78 8.12
N ASP A 159 -8.84 5.88 8.79
CA ASP A 159 -7.61 6.60 8.47
C ASP A 159 -6.40 6.13 9.29
N LEU A 160 -5.99 4.91 9.05
CA LEU A 160 -4.85 4.37 9.75
C LEU A 160 -3.59 5.10 9.33
N PRO A 161 -2.72 5.44 10.29
CA PRO A 161 -1.46 6.09 9.92
C PRO A 161 -0.64 5.19 9.01
N LEU A 162 -0.21 5.75 7.89
CA LEU A 162 0.52 5.00 6.88
C LEU A 162 1.73 4.25 7.47
N THR A 163 2.40 4.88 8.44
CA THR A 163 3.62 4.29 9.02
C THR A 163 3.37 2.88 9.57
N LEU A 164 2.18 2.65 10.10
CA LEU A 164 1.83 1.32 10.63
C LEU A 164 1.82 0.21 9.56
N MET A 165 1.69 0.58 8.31
CA MET A 165 1.71 -0.39 7.22
C MET A 165 3.07 -1.11 7.18
N GLY A 166 4.06 -0.44 7.70
CA GLY A 166 5.41 -0.96 7.74
C GLY A 166 5.53 -2.30 8.47
N ASP A 167 4.75 -2.48 9.54
CA ASP A 167 4.78 -3.72 10.29
C ASP A 167 3.74 -4.71 9.81
N GLY A 168 2.95 -4.31 8.83
CA GLY A 168 1.90 -5.19 8.31
C GLY A 168 0.50 -4.61 8.49
N GLY A 169 0.41 -3.43 9.09
CA GLY A 169 -0.88 -2.84 9.36
C GLY A 169 -1.81 -3.70 10.18
N TRP A 170 -3.07 -3.80 9.77
CA TRP A 170 -4.05 -4.54 10.56
C TRP A 170 -3.74 -6.04 10.55
N ALA A 171 -2.88 -6.46 9.63
CA ALA A 171 -2.45 -7.86 9.61
C ALA A 171 -1.48 -8.17 10.76
N SER A 172 -1.00 -7.12 11.43
CA SER A 172 -0.06 -7.29 12.52
C SER A 172 -0.71 -6.96 13.87
N ARG A 173 -0.62 -7.90 14.81
CA ARG A 173 -1.23 -7.75 16.14
C ARG A 173 -0.79 -6.48 16.84
N SER A 174 0.43 -6.04 16.55
CA SER A 174 1.00 -4.84 17.17
C SER A 174 0.11 -3.61 16.95
N THR A 175 -0.57 -3.59 15.82
CA THR A 175 -1.39 -2.45 15.43
C THR A 175 -2.57 -2.29 16.37
N ALA A 176 -3.07 -3.41 16.88
CA ALA A 176 -4.16 -3.37 17.87
C ALA A 176 -3.67 -2.66 19.13
N HIS A 177 -2.41 -2.89 19.51
CA HIS A 177 -1.85 -2.20 20.67
C HIS A 177 -1.56 -0.74 20.36
N ALA A 178 -1.22 -0.44 19.12
CA ALA A 178 -1.04 0.96 18.72
C ALA A 178 -2.39 1.68 18.85
N PHE A 179 -3.45 1.06 18.39
CA PHE A 179 -4.79 1.65 18.52
C PHE A 179 -5.18 1.85 19.98
N GLN A 180 -4.90 0.84 20.78
CA GLN A 180 -5.16 0.88 22.21
C GLN A 180 -4.55 2.13 22.87
N ARG A 181 -3.31 2.43 22.53
CA ARG A 181 -2.63 3.56 23.13
C ARG A 181 -3.22 4.87 22.61
N TYR A 182 -3.63 4.86 21.35
CA TYR A 182 -4.24 6.03 20.74
C TYR A 182 -5.60 6.29 21.42
N ALA A 183 -6.36 5.22 21.61
CA ALA A 183 -7.68 5.32 22.24
C ALA A 183 -7.54 5.91 23.65
N LYS A 184 -6.58 5.38 24.41
CA LYS A 184 -6.32 5.85 25.76
C LYS A 184 -5.95 7.33 25.77
N THR A 185 -5.10 7.74 24.83
CA THR A 185 -4.64 9.13 24.75
C THR A 185 -5.80 10.08 24.46
N VAL A 186 -6.65 9.70 23.53
CA VAL A 186 -7.77 10.55 23.15
C VAL A 186 -8.75 10.67 24.31
N MET A 187 -9.11 9.55 24.87
CA MET A 187 -10.08 9.51 25.94
C MET A 187 -9.59 10.20 27.22
N ALA A 188 -8.31 10.18 27.49
CA ALA A 188 -7.78 10.90 28.66
C ALA A 188 -7.93 12.42 28.51
N ARG A 189 -7.91 12.89 27.27
CA ARG A 189 -8.02 14.33 27.02
C ARG A 189 -9.47 14.80 26.85
N LEU A 190 -10.29 13.98 26.21
CA LEU A 190 -11.64 14.39 25.82
C LEU A 190 -12.77 13.75 26.65
N GLY A 191 -12.42 12.75 27.45
CA GLY A 191 -13.39 11.98 28.22
C GLY A 191 -14.23 12.77 29.21
N ASP A 192 -13.75 13.92 29.65
CA ASP A 192 -14.54 14.70 30.59
C ASP A 192 -15.73 15.40 29.92
N ARG A 193 -15.77 15.36 28.58
CA ARG A 193 -16.75 16.15 27.85
C ARG A 193 -17.55 15.37 26.82
N LEU A 194 -17.00 14.29 26.27
CA LEU A 194 -17.71 13.53 25.25
C LEU A 194 -18.97 12.89 25.79
N ASP A 195 -20.03 12.91 24.99
CA ASP A 195 -21.26 12.24 25.40
C ASP A 195 -21.24 10.74 25.12
N ALA A 196 -20.46 10.34 24.12
CA ALA A 196 -20.38 8.93 23.77
C ALA A 196 -19.18 8.69 22.89
N VAL A 197 -18.66 7.46 22.92
CA VAL A 197 -17.54 7.10 22.05
C VAL A 197 -17.74 5.73 21.44
N ALA A 198 -17.43 5.61 20.16
CA ALA A 198 -17.38 4.31 19.50
C ALA A 198 -15.93 4.06 19.14
N THR A 199 -15.49 2.82 19.28
CA THR A 199 -14.13 2.47 18.94
C THR A 199 -13.92 2.49 17.43
N PHE A 200 -14.71 1.68 16.72
CA PHE A 200 -14.58 1.51 15.29
C PHE A 200 -15.87 1.81 14.54
N ASN A 201 -15.71 2.28 13.31
CA ASN A 201 -16.78 2.37 12.31
C ASN A 201 -16.62 1.28 11.29
N GLU A 202 -17.66 0.45 11.15
CA GLU A 202 -17.72 -0.54 10.08
C GLU A 202 -16.50 -1.46 9.93
N PRO A 203 -16.28 -2.35 10.92
CA PRO A 203 -15.25 -3.38 10.75
C PRO A 203 -15.36 -4.10 9.40
N TRP A 204 -16.57 -4.37 8.92
CA TRP A 204 -16.75 -5.04 7.64
C TRP A 204 -15.95 -4.39 6.51
N CYS A 205 -15.97 -3.05 6.46
CA CYS A 205 -15.26 -2.31 5.41
C CYS A 205 -13.77 -2.33 5.64
N ALA A 206 -13.36 -2.04 6.87
CA ALA A 206 -11.93 -2.00 7.20
C ALA A 206 -11.28 -3.38 7.07
N VAL A 207 -12.08 -4.44 7.21
CA VAL A 207 -11.58 -5.82 7.12
C VAL A 207 -11.74 -6.34 5.70
N TRP A 208 -12.94 -6.79 5.34
CA TRP A 208 -13.15 -7.46 4.06
C TRP A 208 -13.00 -6.54 2.85
N LEU A 209 -13.64 -5.39 2.89
CA LEU A 209 -13.62 -4.50 1.73
C LEU A 209 -12.20 -4.00 1.48
N SER A 210 -11.41 -3.90 2.55
CA SER A 210 -10.06 -3.36 2.46
C SER A 210 -8.97 -4.41 2.24
N HIS A 211 -9.21 -5.63 2.71
CA HIS A 211 -8.15 -6.65 2.67
C HIS A 211 -8.46 -7.88 1.82
N LEU A 212 -9.74 -8.14 1.58
CA LEU A 212 -10.13 -9.26 0.72
C LEU A 212 -10.62 -8.82 -0.65
N TYR A 213 -11.39 -7.73 -0.70
CA TYR A 213 -11.98 -7.28 -1.97
C TYR A 213 -11.16 -6.21 -2.69
N GLY A 214 -10.24 -5.57 -1.96
CA GLY A 214 -9.29 -4.63 -2.55
C GLY A 214 -9.87 -3.27 -2.93
N ILE A 215 -11.07 -2.98 -2.44
CA ILE A 215 -11.80 -1.78 -2.83
C ILE A 215 -11.50 -0.57 -1.94
N HIS A 216 -11.22 -0.82 -0.67
CA HIS A 216 -10.82 0.24 0.24
C HIS A 216 -9.38 0.04 0.66
N ALA A 217 -8.76 1.10 1.21
CA ALA A 217 -7.37 1.05 1.64
C ALA A 217 -7.15 0.03 2.76
N PRO A 218 -6.05 -0.74 2.71
CA PRO A 218 -4.90 -0.59 1.82
C PRO A 218 -5.02 -1.31 0.50
N GLY A 219 -6.17 -1.89 0.19
CA GLY A 219 -6.41 -2.42 -1.15
C GLY A 219 -5.89 -3.82 -1.40
N GLU A 220 -5.88 -4.66 -0.37
CA GLU A 220 -5.38 -6.02 -0.51
C GLU A 220 -6.49 -6.96 -0.94
N ARG A 221 -6.09 -8.09 -1.53
CA ARG A 221 -7.01 -9.15 -1.92
C ARG A 221 -6.44 -10.49 -1.47
N ASN A 222 -6.54 -10.77 -0.18
CA ASN A 222 -5.86 -11.90 0.42
C ASN A 222 -6.55 -12.39 1.69
N MET A 223 -7.07 -13.62 1.65
CA MET A 223 -7.83 -14.16 2.77
C MET A 223 -7.02 -14.19 4.05
N GLU A 224 -5.74 -14.52 3.92
CA GLU A 224 -4.87 -14.57 5.08
C GLU A 224 -4.74 -13.17 5.71
N ALA A 225 -4.53 -12.17 4.86
CA ALA A 225 -4.42 -10.80 5.32
C ALA A 225 -5.73 -10.35 5.95
N ALA A 226 -6.84 -10.65 5.26
CA ALA A 226 -8.16 -10.25 5.73
C ALA A 226 -8.54 -10.87 7.09
N LEU A 227 -8.27 -12.16 7.26
CA LEU A 227 -8.56 -12.84 8.53
C LEU A 227 -7.75 -12.29 9.67
N ALA A 228 -6.50 -11.91 9.39
CA ALA A 228 -5.66 -11.27 10.39
C ALA A 228 -6.24 -9.92 10.74
N ALA A 229 -6.66 -9.16 9.73
CA ALA A 229 -7.26 -7.85 9.98
C ALA A 229 -8.53 -8.02 10.82
N MET A 230 -9.32 -9.01 10.46
CA MET A 230 -10.56 -9.31 11.18
C MET A 230 -10.31 -9.45 12.66
N HIS A 231 -9.42 -10.38 13.05
CA HIS A 231 -9.18 -10.62 14.48
C HIS A 231 -8.51 -9.44 15.19
N HIS A 232 -7.58 -8.79 14.51
CA HIS A 232 -6.84 -7.69 15.11
C HIS A 232 -7.72 -6.46 15.29
N ILE A 233 -8.65 -6.24 14.38
CA ILE A 233 -9.63 -5.16 14.56
C ILE A 233 -10.59 -5.51 15.70
N ASN A 234 -11.06 -6.76 15.77
CA ASN A 234 -11.90 -7.16 16.90
C ASN A 234 -11.15 -6.96 18.23
N LEU A 235 -9.87 -7.35 18.23
CA LEU A 235 -9.04 -7.25 19.42
C LEU A 235 -8.85 -5.78 19.80
N ALA A 236 -8.55 -4.96 18.80
CA ALA A 236 -8.38 -3.52 18.98
C ALA A 236 -9.64 -2.88 19.57
N HIS A 237 -10.81 -3.35 19.13
CA HIS A 237 -12.06 -2.88 19.69
C HIS A 237 -12.05 -3.08 21.20
N GLY A 238 -11.81 -4.31 21.63
CA GLY A 238 -11.79 -4.64 23.05
C GLY A 238 -10.75 -3.87 23.83
N PHE A 239 -9.55 -3.74 23.27
CA PHE A 239 -8.53 -2.92 23.89
C PHE A 239 -9.02 -1.51 24.10
N GLY A 240 -9.74 -0.98 23.10
CA GLY A 240 -10.27 0.38 23.18
C GLY A 240 -11.36 0.56 24.23
N VAL A 241 -12.28 -0.41 24.31
CA VAL A 241 -13.29 -0.36 25.37
C VAL A 241 -12.60 -0.27 26.74
N GLU A 242 -11.61 -1.12 26.98
CA GLU A 242 -10.94 -1.11 28.28
C GLU A 242 -10.23 0.19 28.54
N ALA A 243 -9.52 0.66 27.51
CA ALA A 243 -8.74 1.89 27.62
C ALA A 243 -9.68 3.04 27.91
N SER A 244 -10.78 3.11 27.17
CA SER A 244 -11.72 4.22 27.37
C SER A 244 -12.26 4.23 28.79
N ARG A 245 -12.72 3.07 29.25
CA ARG A 245 -13.26 3.00 30.59
C ARG A 245 -12.22 3.21 31.69
N HIS A 246 -10.98 2.83 31.42
CA HIS A 246 -9.90 3.02 32.39
C HIS A 246 -9.72 4.50 32.69
N VAL A 247 -9.74 5.34 31.66
CA VAL A 247 -9.45 6.77 31.85
C VAL A 247 -10.67 7.68 31.78
N ALA A 248 -11.80 7.14 31.35
CA ALA A 248 -13.02 7.93 31.24
C ALA A 248 -14.22 7.06 31.47
N PRO A 249 -14.35 6.56 32.72
CA PRO A 249 -15.35 5.54 33.04
C PRO A 249 -16.79 6.05 32.84
N LYS A 250 -16.98 7.37 32.82
CA LYS A 250 -18.32 7.95 32.66
C LYS A 250 -18.86 7.95 31.23
N VAL A 251 -18.00 7.72 30.23
CA VAL A 251 -18.44 7.79 28.83
C VAL A 251 -18.97 6.46 28.32
N PRO A 252 -20.21 6.47 27.82
CA PRO A 252 -20.83 5.28 27.22
C PRO A 252 -20.04 4.84 26.00
N VAL A 253 -19.67 3.57 25.97
CA VAL A 253 -18.79 3.03 24.93
C VAL A 253 -19.58 2.11 24.01
N GLY A 254 -19.39 2.27 22.71
CA GLY A 254 -20.05 1.40 21.75
C GLY A 254 -19.16 1.03 20.57
N LEU A 255 -19.77 0.47 19.54
CA LEU A 255 -19.11 0.01 18.33
C LEU A 255 -20.12 0.22 17.22
N VAL A 256 -19.65 0.71 16.07
CA VAL A 256 -20.49 0.97 14.92
C VAL A 256 -20.30 -0.08 13.82
N LEU A 257 -21.37 -0.79 13.48
CA LEU A 257 -21.30 -1.85 12.49
C LEU A 257 -22.30 -1.61 11.36
N ASN A 258 -21.85 -1.76 10.12
CA ASN A 258 -22.80 -1.90 9.03
C ASN A 258 -23.23 -3.35 8.95
N ALA A 259 -24.12 -3.74 9.85
CA ALA A 259 -24.62 -5.10 9.86
C ALA A 259 -25.44 -5.25 8.61
N HIS A 260 -25.21 -6.30 7.83
CA HIS A 260 -25.93 -6.45 6.58
C HIS A 260 -27.26 -7.18 6.75
N SER A 261 -28.31 -6.63 6.15
CA SER A 261 -29.62 -7.29 6.10
C SER A 261 -29.56 -8.32 4.98
N VAL A 262 -29.34 -9.57 5.37
CA VAL A 262 -29.19 -10.64 4.40
C VAL A 262 -30.56 -11.21 4.02
N ILE A 263 -30.87 -11.17 2.74
CA ILE A 263 -32.16 -11.66 2.24
C ILE A 263 -31.97 -12.70 1.14
N PRO A 264 -32.35 -13.95 1.42
CA PRO A 264 -32.23 -15.03 0.43
C PRO A 264 -33.22 -14.83 -0.72
N ALA A 265 -32.89 -15.34 -1.90
CA ALA A 265 -33.76 -15.21 -3.06
C ALA A 265 -35.03 -16.05 -2.88
N SER A 266 -34.87 -17.22 -2.29
CA SER A 266 -35.98 -18.13 -2.02
C SER A 266 -35.87 -18.68 -0.62
N ASN A 267 -36.89 -19.41 -0.18
CA ASN A 267 -36.81 -20.11 1.10
C ASN A 267 -36.44 -21.59 0.94
N SER A 268 -35.89 -21.94 -0.22
CA SER A 268 -35.34 -23.28 -0.43
C SER A 268 -34.25 -23.50 0.61
N ASP A 269 -34.18 -24.74 1.13
CA ASP A 269 -33.20 -25.08 2.15
C ASP A 269 -31.79 -24.62 1.79
N ALA A 270 -31.43 -24.72 0.52
CA ALA A 270 -30.14 -24.28 0.02
C ALA A 270 -29.92 -22.76 0.19
N ASP A 271 -30.94 -21.98 -0.16
CA ASP A 271 -30.83 -20.53 -0.02
C ASP A 271 -30.87 -20.11 1.44
N MET A 272 -31.67 -20.79 2.25
CA MET A 272 -31.74 -20.47 3.68
C MET A 272 -30.40 -20.74 4.35
N LYS A 273 -29.71 -21.76 3.88
CA LYS A 273 -28.38 -22.09 4.41
C LYS A 273 -27.32 -21.13 3.88
N ALA A 274 -27.45 -20.74 2.62
CA ALA A 274 -26.55 -19.74 2.04
C ALA A 274 -26.68 -18.43 2.82
N ALA A 275 -27.91 -18.04 3.11
CA ALA A 275 -28.17 -16.82 3.85
C ALA A 275 -27.51 -16.89 5.22
N GLU A 276 -27.50 -18.08 5.81
CA GLU A 276 -26.84 -18.28 7.08
C GLU A 276 -25.32 -18.14 6.99
N ARG A 277 -24.71 -18.71 5.94
CA ARG A 277 -23.27 -18.57 5.76
C ARG A 277 -22.89 -17.10 5.53
N ALA A 278 -23.65 -16.45 4.65
CA ALA A 278 -23.48 -15.01 4.41
C ALA A 278 -23.55 -14.23 5.72
N PHE A 279 -24.54 -14.53 6.57
CA PHE A 279 -24.68 -13.82 7.83
C PHE A 279 -23.46 -14.01 8.72
N GLN A 280 -22.96 -15.25 8.79
CA GLN A 280 -21.82 -15.55 9.64
C GLN A 280 -20.57 -14.80 9.16
N PHE A 281 -20.35 -14.79 7.85
CA PHE A 281 -19.15 -14.18 7.29
C PHE A 281 -19.25 -12.66 7.37
N HIS A 282 -20.40 -12.12 6.96
CA HIS A 282 -20.51 -10.67 6.82
C HIS A 282 -20.87 -9.94 8.12
N ASN A 283 -21.58 -10.62 9.01
CA ASN A 283 -21.94 -10.05 10.29
C ASN A 283 -21.32 -10.78 11.48
N GLY A 284 -21.38 -12.10 11.44
CA GLY A 284 -21.02 -12.92 12.58
C GLY A 284 -19.55 -12.78 12.93
N ALA A 285 -18.74 -12.51 11.91
CA ALA A 285 -17.30 -12.32 12.11
C ALA A 285 -17.03 -11.24 13.15
N PHE A 286 -17.99 -10.34 13.32
CA PHE A 286 -17.83 -9.21 14.24
C PHE A 286 -18.82 -9.31 15.41
N PHE A 287 -20.06 -9.63 15.12
CA PHE A 287 -21.08 -9.71 16.17
C PHE A 287 -20.84 -10.85 17.17
N ASP A 288 -20.47 -12.01 16.66
CA ASP A 288 -20.27 -13.16 17.53
C ASP A 288 -19.10 -12.98 18.52
N PRO A 289 -17.93 -12.55 18.02
CA PRO A 289 -16.89 -12.28 19.02
C PRO A 289 -17.27 -11.18 20.02
N VAL A 290 -17.86 -10.08 19.56
CA VAL A 290 -18.18 -8.97 20.46
C VAL A 290 -19.33 -9.29 21.43
N PHE A 291 -20.35 -10.00 20.94
CA PHE A 291 -21.55 -10.21 21.74
C PHE A 291 -21.73 -11.64 22.28
N LYS A 292 -20.93 -12.58 21.79
CA LYS A 292 -20.95 -13.96 22.28
C LYS A 292 -19.57 -14.48 22.70
N GLY A 293 -18.52 -13.72 22.44
CA GLY A 293 -17.19 -14.14 22.84
C GLY A 293 -16.67 -15.37 22.10
N GLU A 294 -17.08 -15.52 20.84
CA GLU A 294 -16.65 -16.66 20.02
C GLU A 294 -16.83 -16.32 18.53
N TYR A 295 -16.10 -17.00 17.66
CA TYR A 295 -16.30 -16.82 16.22
C TYR A 295 -17.36 -17.80 15.76
N PRO A 296 -18.08 -17.50 14.66
CA PRO A 296 -19.10 -18.44 14.18
C PRO A 296 -18.47 -19.78 13.79
N ALA A 297 -19.12 -20.89 14.15
CA ALA A 297 -18.51 -22.21 14.03
C ALA A 297 -18.26 -22.64 12.59
N GLU A 298 -19.26 -22.48 11.74
CA GLU A 298 -19.15 -22.92 10.36
C GLU A 298 -18.12 -22.09 9.58
N MET A 299 -17.94 -20.85 9.99
CA MET A 299 -16.91 -20.01 9.39
C MET A 299 -15.52 -20.50 9.78
N ILE A 300 -15.36 -20.88 11.05
CA ILE A 300 -14.10 -21.40 11.56
C ILE A 300 -13.74 -22.73 10.91
N GLU A 301 -14.75 -23.56 10.70
CA GLU A 301 -14.57 -24.84 10.02
C GLU A 301 -14.01 -24.62 8.63
N ALA A 302 -14.43 -23.52 8.00
CA ALA A 302 -13.96 -23.18 6.65
C ALA A 302 -12.70 -22.31 6.63
N LEU A 303 -12.58 -21.38 7.58
CA LEU A 303 -11.51 -20.39 7.51
C LEU A 303 -10.49 -20.46 8.64
N GLY A 304 -10.78 -21.25 9.67
CA GLY A 304 -9.96 -21.29 10.86
C GLY A 304 -8.47 -21.53 10.61
N SER A 305 -8.14 -22.35 9.63
CA SER A 305 -6.75 -22.72 9.38
C SER A 305 -5.91 -21.54 8.89
N ARG A 306 -6.58 -20.48 8.44
CA ARG A 306 -5.86 -19.35 7.87
C ARG A 306 -5.96 -18.11 8.74
N MET A 307 -6.51 -18.29 9.93
CA MET A 307 -6.61 -17.21 10.90
C MET A 307 -5.30 -17.02 11.62
N PRO A 308 -5.10 -15.83 12.23
CA PRO A 308 -3.91 -15.63 13.05
C PRO A 308 -4.10 -16.27 14.41
N VAL A 309 -3.05 -16.25 15.22
CA VAL A 309 -3.13 -16.81 16.56
C VAL A 309 -4.15 -16.05 17.43
N VAL A 310 -5.08 -16.78 18.03
CA VAL A 310 -5.98 -16.21 19.04
C VAL A 310 -5.41 -16.56 20.41
N GLU A 311 -4.94 -15.56 21.14
CA GLU A 311 -4.35 -15.77 22.46
C GLU A 311 -5.41 -15.98 23.53
N ALA A 312 -4.96 -16.33 24.74
CA ALA A 312 -5.85 -16.76 25.83
C ALA A 312 -6.97 -15.78 26.16
N GLU A 313 -6.60 -14.55 26.47
CA GLU A 313 -7.59 -13.56 26.87
C GLU A 313 -8.30 -12.84 25.73
N ASP A 314 -7.99 -13.20 24.52
CA ASP A 314 -8.49 -12.46 23.34
C ASP A 314 -10.02 -12.29 23.27
N LEU A 315 -10.74 -13.39 23.07
CA LEU A 315 -12.21 -13.34 22.97
C LEU A 315 -12.85 -12.73 24.22
N SER A 316 -12.21 -12.88 25.36
CA SER A 316 -12.71 -12.29 26.58
C SER A 316 -12.58 -10.77 26.57
N ILE A 317 -11.49 -10.26 25.99
CA ILE A 317 -11.28 -8.82 25.86
C ILE A 317 -12.24 -8.22 24.82
N ILE A 318 -12.40 -8.94 23.72
CA ILE A 318 -13.23 -8.53 22.60
C ILE A 318 -14.70 -8.41 23.02
N SER A 319 -15.12 -9.29 23.93
CA SER A 319 -16.53 -9.41 24.26
C SER A 319 -16.93 -8.65 25.51
N GLN A 320 -16.19 -7.60 25.86
CA GLN A 320 -16.63 -6.78 26.97
C GLN A 320 -18.00 -6.15 26.70
N LYS A 321 -18.75 -5.90 27.78
CA LYS A 321 -20.07 -5.28 27.69
C LYS A 321 -20.01 -3.87 27.16
N LEU A 322 -20.87 -3.57 26.19
CA LEU A 322 -20.97 -2.23 25.61
C LEU A 322 -22.19 -1.51 26.15
N ASP A 323 -22.14 -0.19 26.13
CA ASP A 323 -23.25 0.62 26.64
C ASP A 323 -24.28 0.90 25.55
N TRP A 324 -23.85 0.83 24.30
CA TRP A 324 -24.72 1.05 23.15
C TRP A 324 -24.03 0.46 21.93
N TRP A 325 -24.75 0.35 20.82
CA TRP A 325 -24.09 0.00 19.58
C TRP A 325 -24.73 0.79 18.45
N GLY A 326 -23.96 1.05 17.40
CA GLY A 326 -24.45 1.84 16.29
C GLY A 326 -24.66 0.99 15.06
N LEU A 327 -25.83 1.15 14.45
CA LEU A 327 -26.13 0.45 13.20
C LEU A 327 -26.03 1.42 12.03
N ASN A 328 -25.18 1.09 11.05
CA ASN A 328 -25.18 1.78 9.78
C ASN A 328 -25.98 0.97 8.78
N TYR A 329 -27.04 1.57 8.23
CA TYR A 329 -27.87 0.87 7.26
C TYR A 329 -28.18 1.73 6.02
N TYR A 330 -28.08 1.14 4.83
CA TYR A 330 -28.46 1.81 3.59
C TYR A 330 -29.31 0.93 2.68
N THR A 331 -28.94 -0.34 2.56
CA THR A 331 -29.49 -1.19 1.50
C THR A 331 -29.35 -2.66 1.91
N PRO A 332 -30.24 -3.54 1.41
CA PRO A 332 -30.13 -4.97 1.78
C PRO A 332 -29.00 -5.69 1.05
N MET A 333 -28.59 -6.86 1.58
CA MET A 333 -27.65 -7.71 0.86
C MET A 333 -28.40 -8.98 0.45
N ARG A 334 -28.85 -8.99 -0.80
CA ARG A 334 -29.66 -10.10 -1.30
C ARG A 334 -28.74 -11.20 -1.77
N VAL A 335 -28.99 -12.44 -1.34
CA VAL A 335 -28.06 -13.54 -1.67
C VAL A 335 -28.79 -14.80 -2.15
N ALA A 336 -28.07 -15.61 -2.91
CA ALA A 336 -28.54 -16.94 -3.29
C ALA A 336 -27.37 -17.90 -3.16
N ASP A 337 -27.66 -19.20 -3.07
CA ASP A 337 -26.58 -20.17 -2.99
C ASP A 337 -25.77 -20.16 -4.29
N ASP A 338 -24.45 -20.28 -4.15
CA ASP A 338 -23.55 -20.35 -5.29
C ASP A 338 -22.99 -21.77 -5.40
N ALA A 339 -23.41 -22.48 -6.44
CA ALA A 339 -23.11 -23.91 -6.60
C ALA A 339 -21.76 -24.17 -7.27
N THR A 340 -21.08 -23.10 -7.68
CA THR A 340 -19.78 -23.21 -8.34
C THR A 340 -18.80 -23.96 -7.45
N GLU A 341 -18.18 -25.01 -8.00
CA GLU A 341 -17.24 -25.82 -7.22
C GLU A 341 -16.02 -25.02 -6.79
N GLY A 342 -15.60 -25.24 -5.54
CA GLY A 342 -14.46 -24.51 -4.99
C GLY A 342 -14.75 -23.12 -4.46
N ALA A 343 -16.00 -22.69 -4.53
CA ALA A 343 -16.38 -21.34 -4.09
C ALA A 343 -16.05 -21.14 -2.63
N GLU A 344 -15.29 -20.10 -2.32
CA GLU A 344 -14.87 -19.86 -0.94
C GLU A 344 -16.05 -19.47 -0.07
N PHE A 345 -16.01 -19.90 1.20
CA PHE A 345 -17.01 -19.50 2.19
C PHE A 345 -17.13 -17.97 2.17
N PRO A 346 -18.37 -17.45 2.19
CA PRO A 346 -19.65 -18.14 2.41
C PRO A 346 -20.34 -18.68 1.15
N ALA A 347 -19.67 -18.69 0.01
CA ALA A 347 -20.21 -19.33 -1.21
C ALA A 347 -21.61 -18.84 -1.62
N THR A 348 -21.79 -17.52 -1.69
CA THR A 348 -23.06 -16.96 -2.15
C THR A 348 -22.88 -16.19 -3.44
N LYS A 349 -24.01 -15.89 -4.09
CA LYS A 349 -24.00 -15.01 -5.24
C LYS A 349 -25.14 -13.99 -5.12
N GLN A 350 -25.03 -12.92 -5.90
CA GLN A 350 -26.00 -11.83 -5.94
C GLN A 350 -27.41 -12.30 -6.33
N ALA A 351 -28.42 -11.88 -5.55
CA ALA A 351 -29.81 -12.14 -5.91
C ALA A 351 -30.50 -10.84 -6.35
N PRO A 352 -31.53 -10.96 -7.21
CA PRO A 352 -32.16 -9.75 -7.79
C PRO A 352 -32.88 -8.85 -6.80
N ALA A 353 -32.83 -7.54 -7.06
CA ALA A 353 -33.61 -6.57 -6.30
C ALA A 353 -35.10 -6.77 -6.54
N VAL A 354 -35.91 -6.45 -5.53
CA VAL A 354 -37.37 -6.55 -5.65
C VAL A 354 -37.97 -5.29 -6.29
N SER A 355 -37.19 -4.23 -6.26
CA SER A 355 -37.59 -2.93 -6.83
C SER A 355 -36.51 -2.44 -7.78
N ASP A 356 -36.89 -1.60 -8.73
CA ASP A 356 -35.90 -0.95 -9.57
C ASP A 356 -35.53 0.45 -9.01
N VAL A 357 -36.00 0.75 -7.81
CA VAL A 357 -35.67 2.03 -7.18
C VAL A 357 -34.25 1.96 -6.61
N LYS A 358 -33.39 2.84 -7.11
CA LYS A 358 -31.98 2.88 -6.74
C LYS A 358 -31.51 4.31 -6.48
N THR A 359 -30.55 4.49 -5.59
CA THR A 359 -29.94 5.80 -5.41
C THR A 359 -28.90 6.03 -6.51
N ASP A 360 -28.29 7.21 -6.52
CA ASP A 360 -27.37 7.55 -7.61
C ASP A 360 -26.05 6.80 -7.50
N ILE A 361 -25.83 6.14 -6.36
CA ILE A 361 -24.65 5.30 -6.21
C ILE A 361 -24.97 3.84 -6.64
N GLY A 362 -26.24 3.58 -6.91
CA GLY A 362 -26.67 2.29 -7.46
C GLY A 362 -27.26 1.31 -6.47
N TRP A 363 -27.43 1.74 -5.23
CA TRP A 363 -27.94 0.86 -4.16
C TRP A 363 -29.46 0.82 -4.13
N GLU A 364 -30.02 -0.39 -4.11
CA GLU A 364 -31.47 -0.59 -3.98
C GLU A 364 -32.06 0.15 -2.77
N VAL A 365 -33.17 0.85 -2.98
CA VAL A 365 -33.90 1.43 -1.86
C VAL A 365 -34.94 0.42 -1.40
N TYR A 366 -34.77 -0.09 -0.18
CA TYR A 366 -35.73 -1.06 0.33
C TYR A 366 -35.84 -0.97 1.85
N ALA A 367 -36.63 -0.01 2.30
CA ALA A 367 -36.71 0.27 3.73
C ALA A 367 -37.11 -0.88 4.67
N PRO A 368 -38.01 -1.79 4.23
CA PRO A 368 -38.34 -2.89 5.15
C PRO A 368 -37.16 -3.76 5.57
N ALA A 369 -36.07 -3.81 4.81
CA ALA A 369 -34.91 -4.61 5.21
C ALA A 369 -34.31 -4.12 6.53
N LEU A 370 -34.54 -2.85 6.87
CA LEU A 370 -34.07 -2.32 8.14
C LEU A 370 -34.85 -2.94 9.32
N HIS A 371 -36.16 -3.17 9.15
CA HIS A 371 -36.94 -3.81 10.18
C HIS A 371 -36.50 -5.26 10.39
N SER A 372 -36.38 -6.02 9.33
CA SER A 372 -36.00 -7.42 9.46
C SER A 372 -34.56 -7.60 9.99
N LEU A 373 -33.67 -6.66 9.68
CA LEU A 373 -32.31 -6.70 10.21
C LEU A 373 -32.32 -6.51 11.73
N VAL A 374 -32.99 -5.46 12.19
CA VAL A 374 -33.04 -5.18 13.62
C VAL A 374 -33.77 -6.33 14.37
N GLU A 375 -34.85 -6.85 13.80
CA GLU A 375 -35.56 -7.96 14.40
C GLU A 375 -34.61 -9.15 14.54
N THR A 376 -33.90 -9.47 13.46
CA THR A 376 -32.93 -10.58 13.47
C THR A 376 -31.83 -10.44 14.50
N LEU A 377 -31.19 -9.27 14.54
CA LEU A 377 -30.07 -9.04 15.46
C LEU A 377 -30.49 -9.14 16.92
N TYR A 378 -31.66 -8.60 17.26
CA TYR A 378 -32.08 -8.57 18.66
C TYR A 378 -32.52 -9.93 19.18
N GLU A 379 -32.84 -10.83 18.28
CA GLU A 379 -33.23 -12.15 18.75
C GLU A 379 -32.01 -13.07 18.78
N ARG A 380 -31.02 -12.82 17.91
CA ARG A 380 -29.83 -13.65 17.83
C ARG A 380 -28.78 -13.26 18.88
N TYR A 381 -28.69 -11.97 19.21
CA TYR A 381 -27.69 -11.50 20.16
C TYR A 381 -28.31 -10.74 21.31
N GLU A 382 -27.60 -10.74 22.44
CA GLU A 382 -27.93 -9.85 23.54
C GLU A 382 -27.22 -8.51 23.35
N LEU A 383 -27.98 -7.51 22.89
CA LEU A 383 -27.45 -6.20 22.52
C LEU A 383 -27.84 -5.12 23.50
N PRO A 384 -27.04 -4.06 23.59
CA PRO A 384 -27.42 -2.87 24.36
C PRO A 384 -28.31 -1.95 23.53
N ASP A 385 -28.58 -0.75 24.02
CA ASP A 385 -29.31 0.24 23.24
C ASP A 385 -28.69 0.43 21.86
N CYS A 386 -29.56 0.67 20.86
CA CYS A 386 -29.12 0.88 19.49
C CYS A 386 -29.33 2.33 19.04
N TYR A 387 -28.33 2.88 18.36
CA TYR A 387 -28.47 4.17 17.68
C TYR A 387 -28.22 3.89 16.20
N ILE A 388 -29.11 4.35 15.33
CA ILE A 388 -28.81 4.28 13.90
C ILE A 388 -27.75 5.35 13.70
N THR A 389 -26.51 4.94 13.46
CA THR A 389 -25.42 5.92 13.44
C THR A 389 -25.12 6.36 12.02
N GLU A 390 -25.69 5.65 11.05
CA GLU A 390 -25.68 6.10 9.64
C GLU A 390 -26.93 5.64 8.89
N ASN A 391 -27.56 6.57 8.19
CA ASN A 391 -28.63 6.25 7.24
C ASN A 391 -28.76 7.45 6.31
N GLY A 392 -28.81 7.20 5.00
CA GLY A 392 -28.89 8.31 4.07
C GLY A 392 -28.88 7.80 2.66
N ALA A 393 -28.79 8.72 1.70
CA ALA A 393 -28.96 8.34 0.31
C ALA A 393 -28.05 9.20 -0.56
N CYS A 394 -27.48 8.57 -1.59
CA CYS A 394 -26.73 9.31 -2.59
C CYS A 394 -27.65 9.80 -3.70
N TYR A 395 -27.80 11.11 -3.78
CA TYR A 395 -28.49 11.74 -4.90
C TYR A 395 -27.67 12.99 -5.22
N ASN A 396 -27.39 13.17 -6.51
CA ASN A 396 -26.36 14.12 -6.90
C ASN A 396 -26.82 15.49 -7.42
N MET A 397 -28.09 15.86 -7.22
CA MET A 397 -28.53 17.20 -7.67
C MET A 397 -27.78 18.33 -6.97
N GLY A 398 -27.55 19.42 -7.70
CA GLY A 398 -26.82 20.56 -7.16
C GLY A 398 -27.74 21.76 -6.98
N VAL A 399 -27.15 22.95 -6.94
CA VAL A 399 -27.91 24.17 -6.63
C VAL A 399 -28.64 24.72 -7.87
N GLU A 400 -29.94 24.95 -7.74
CA GLU A 400 -30.73 25.61 -8.78
C GLU A 400 -31.58 26.70 -8.11
N ASN A 401 -31.50 27.93 -8.61
CA ASN A 401 -32.12 29.11 -7.96
C ASN A 401 -31.88 29.19 -6.45
N GLY A 402 -30.66 28.89 -6.01
CA GLY A 402 -30.33 29.00 -4.60
C GLY A 402 -30.86 27.91 -3.69
N GLU A 403 -31.50 26.89 -4.28
CA GLU A 403 -32.01 25.76 -3.50
C GLU A 403 -31.47 24.45 -4.07
N VAL A 404 -31.62 23.36 -3.30
CA VAL A 404 -31.34 22.03 -3.85
C VAL A 404 -32.60 21.18 -3.73
N ASP A 405 -33.24 20.92 -4.86
CA ASP A 405 -34.47 20.14 -4.91
C ASP A 405 -34.16 18.65 -4.88
N ASP A 406 -33.98 18.07 -3.69
CA ASP A 406 -33.62 16.65 -3.60
C ASP A 406 -34.71 15.76 -3.00
N GLN A 407 -35.89 15.83 -3.59
CA GLN A 407 -37.03 15.05 -3.11
C GLN A 407 -36.76 13.55 -2.93
N PRO A 408 -35.95 12.94 -3.82
CA PRO A 408 -35.74 11.51 -3.59
C PRO A 408 -34.95 11.24 -2.32
N ARG A 409 -34.10 12.17 -1.90
CA ARG A 409 -33.41 12.01 -0.63
C ARG A 409 -34.39 12.21 0.51
N LEU A 410 -35.21 13.26 0.43
CA LEU A 410 -36.26 13.47 1.43
C LEU A 410 -37.14 12.23 1.54
N ASP A 411 -37.57 11.67 0.39
CA ASP A 411 -38.41 10.46 0.38
C ASP A 411 -37.71 9.29 1.07
N TYR A 412 -36.41 9.17 0.83
CA TYR A 412 -35.64 8.09 1.43
C TYR A 412 -35.65 8.23 2.95
N TYR A 413 -35.40 9.43 3.43
CA TYR A 413 -35.48 9.68 4.88
C TYR A 413 -36.86 9.44 5.51
N ALA A 414 -37.90 10.00 4.91
CA ALA A 414 -39.24 9.81 5.44
C ALA A 414 -39.56 8.31 5.56
N GLU A 415 -39.21 7.54 4.54
CA GLU A 415 -39.52 6.12 4.58
C GLU A 415 -38.72 5.37 5.66
N HIS A 416 -37.43 5.62 5.73
CA HIS A 416 -36.60 4.87 6.66
C HIS A 416 -36.82 5.30 8.10
N LEU A 417 -37.06 6.59 8.31
CA LEU A 417 -37.39 7.06 9.62
C LEU A 417 -38.75 6.48 10.05
N GLY A 418 -39.63 6.24 9.10
CA GLY A 418 -40.87 5.54 9.38
C GLY A 418 -40.61 4.16 9.96
N ILE A 419 -39.66 3.43 9.35
CA ILE A 419 -39.27 2.12 9.82
C ILE A 419 -38.67 2.18 11.22
N VAL A 420 -37.82 3.20 11.46
CA VAL A 420 -37.23 3.38 12.79
C VAL A 420 -38.32 3.61 13.84
N ALA A 421 -39.27 4.47 13.52
CA ALA A 421 -40.44 4.67 14.39
C ALA A 421 -41.24 3.37 14.62
N ASP A 422 -41.35 2.54 13.58
CA ASP A 422 -42.01 1.22 13.70
C ASP A 422 -41.27 0.37 14.73
N LEU A 423 -39.94 0.37 14.64
CA LEU A 423 -39.11 -0.43 15.54
C LEU A 423 -39.24 0.02 17.00
N VAL A 424 -39.33 1.33 17.24
CA VAL A 424 -39.58 1.87 18.57
C VAL A 424 -40.93 1.33 19.07
N LYS A 425 -41.93 1.36 18.20
CA LYS A 425 -43.25 0.85 18.56
C LYS A 425 -43.23 -0.66 18.81
N ASP A 426 -42.36 -1.37 18.09
CA ASP A 426 -42.27 -2.82 18.23
C ASP A 426 -41.41 -3.23 19.44
N GLY A 427 -40.92 -2.26 20.19
CA GLY A 427 -40.26 -2.54 21.46
C GLY A 427 -38.75 -2.58 21.42
N TYR A 428 -38.16 -2.43 20.24
CA TYR A 428 -36.71 -2.40 20.14
C TYR A 428 -36.11 -1.12 20.75
N PRO A 429 -34.92 -1.22 21.36
CA PRO A 429 -34.41 -0.08 22.11
C PRO A 429 -33.65 0.90 21.21
N MET A 430 -34.37 1.48 20.25
CA MET A 430 -33.79 2.46 19.34
C MET A 430 -33.79 3.82 20.02
N ARG A 431 -32.62 4.33 20.36
CA ARG A 431 -32.52 5.56 21.08
C ARG A 431 -32.21 6.80 20.32
N GLY A 432 -31.84 6.62 19.07
CA GLY A 432 -31.42 7.78 18.30
C GLY A 432 -31.11 7.46 16.86
N TYR A 433 -30.87 8.51 16.08
CA TYR A 433 -30.72 8.38 14.63
C TYR A 433 -29.80 9.48 14.10
N PHE A 434 -28.78 9.10 13.34
CA PHE A 434 -27.86 10.07 12.74
C PHE A 434 -27.94 9.98 11.23
N ALA A 435 -28.46 11.06 10.65
CA ALA A 435 -28.68 11.15 9.22
C ALA A 435 -27.35 11.07 8.52
N TRP A 436 -26.92 10.13 7.66
CA TRP A 436 -25.57 10.22 6.97
C TRP A 436 -25.62 11.05 5.71
N SER A 437 -24.89 12.04 6.10
CA SER A 437 -24.25 13.21 5.86
C SER A 437 -24.75 14.56 6.15
N LEU A 438 -24.12 15.19 7.14
CA LEU A 438 -24.36 16.59 7.42
C LEU A 438 -24.19 17.30 6.07
N MET A 439 -23.11 17.01 5.33
CA MET A 439 -22.89 17.65 4.06
C MET A 439 -22.22 16.71 3.10
N ASP A 440 -22.21 17.10 1.82
CA ASP A 440 -21.51 16.35 0.79
C ASP A 440 -20.03 16.28 1.15
N ASN A 441 -19.39 15.17 0.82
CA ASN A 441 -17.99 15.01 1.20
C ASN A 441 -17.29 13.96 0.35
N PHE A 442 -16.06 13.62 0.73
CA PHE A 442 -15.27 12.61 0.04
C PHE A 442 -15.84 11.22 0.30
N GLU A 443 -16.41 10.61 -0.74
CA GLU A 443 -17.07 9.31 -0.59
C GLU A 443 -16.11 8.17 -0.98
N TRP A 444 -14.95 8.13 -0.32
CA TRP A 444 -14.03 7.01 -0.45
C TRP A 444 -13.72 6.69 -1.91
N ALA A 445 -13.89 5.44 -2.33
CA ALA A 445 -13.54 5.04 -3.70
C ALA A 445 -14.31 5.79 -4.78
N GLU A 446 -15.42 6.39 -4.40
CA GLU A 446 -16.25 7.15 -5.33
C GLU A 446 -15.78 8.60 -5.49
N GLY A 447 -14.85 9.03 -4.65
CA GLY A 447 -14.40 10.42 -4.66
C GLY A 447 -15.52 11.39 -4.30
N TYR A 448 -15.46 12.61 -4.84
CA TYR A 448 -16.46 13.64 -4.53
C TYR A 448 -17.71 13.57 -5.40
N ARG A 449 -17.72 12.66 -6.34
CA ARG A 449 -18.83 12.52 -7.27
C ARG A 449 -20.14 12.09 -6.65
N MET A 450 -20.03 11.32 -5.60
CA MET A 450 -21.25 10.78 -4.97
C MET A 450 -21.61 11.58 -3.72
N ARG A 451 -22.67 12.37 -3.81
CA ARG A 451 -23.06 13.27 -2.72
C ARG A 451 -24.10 12.66 -1.78
N PHE A 452 -23.82 12.65 -0.47
CA PHE A 452 -24.76 12.12 0.54
C PHE A 452 -25.32 13.19 1.49
N GLY A 453 -24.93 14.45 1.31
CA GLY A 453 -25.26 15.46 2.31
C GLY A 453 -26.71 15.94 2.40
N LEU A 454 -27.10 16.35 3.61
CA LEU A 454 -28.30 17.15 3.81
C LEU A 454 -28.01 18.60 3.43
N VAL A 455 -26.73 18.89 3.31
CA VAL A 455 -26.25 20.22 2.96
C VAL A 455 -25.33 20.06 1.76
N HIS A 456 -25.56 20.85 0.72
CA HIS A 456 -24.74 20.82 -0.48
C HIS A 456 -23.45 21.59 -0.26
N VAL A 457 -22.32 21.08 -0.74
CA VAL A 457 -21.08 21.84 -0.73
C VAL A 457 -20.64 22.09 -2.17
N ASP A 458 -20.49 23.36 -2.53
CA ASP A 458 -19.85 23.67 -3.80
C ASP A 458 -18.34 23.61 -3.60
N TYR A 459 -17.70 22.59 -4.18
CA TYR A 459 -16.27 22.41 -3.92
C TYR A 459 -15.39 23.50 -4.50
N GLU A 460 -15.94 24.33 -5.38
CA GLU A 460 -15.14 25.43 -5.89
C GLU A 460 -15.08 26.57 -4.87
N THR A 461 -16.21 26.86 -4.25
CA THR A 461 -16.32 28.02 -3.37
C THR A 461 -16.37 27.65 -1.89
N GLN A 462 -16.57 26.36 -1.61
CA GLN A 462 -16.82 25.87 -0.23
C GLN A 462 -18.12 26.36 0.40
N VAL A 463 -18.98 26.96 -0.41
CA VAL A 463 -20.28 27.44 0.08
C VAL A 463 -21.17 26.26 0.45
N ARG A 464 -21.80 26.32 1.62
CA ARG A 464 -22.77 25.30 2.04
C ARG A 464 -24.19 25.76 1.73
N THR A 465 -25.00 24.88 1.18
CA THR A 465 -26.41 25.21 0.92
C THR A 465 -27.29 24.09 1.47
N LEU A 466 -28.09 24.41 2.47
CA LEU A 466 -29.01 23.43 3.04
C LEU A 466 -29.99 22.95 1.96
N LYS A 467 -30.08 21.64 1.77
CA LYS A 467 -30.95 21.08 0.73
C LYS A 467 -32.37 20.96 1.26
N ASN A 468 -33.35 20.74 0.37
CA ASN A 468 -34.72 20.49 0.84
C ASN A 468 -34.81 19.35 1.85
N SER A 469 -34.04 18.28 1.64
CA SER A 469 -34.03 17.17 2.60
C SER A 469 -33.50 17.64 3.95
N GLY A 470 -32.51 18.53 3.92
CA GLY A 470 -31.95 19.11 5.13
C GLY A 470 -32.95 20.01 5.85
N LYS A 471 -33.69 20.81 5.10
CA LYS A 471 -34.76 21.59 5.71
C LYS A 471 -35.81 20.68 6.36
N TRP A 472 -36.17 19.60 5.68
CA TRP A 472 -37.14 18.65 6.21
C TRP A 472 -36.61 17.97 7.47
N TYR A 473 -35.35 17.58 7.45
CA TYR A 473 -34.79 16.90 8.61
C TYR A 473 -34.67 17.86 9.79
N SER A 474 -34.24 19.10 9.51
CA SER A 474 -34.21 20.14 10.53
C SER A 474 -35.57 20.30 11.20
N ALA A 475 -36.64 20.34 10.40
CA ALA A 475 -37.99 20.51 10.93
C ALA A 475 -38.40 19.35 11.83
N LEU A 476 -38.04 18.13 11.45
CA LEU A 476 -38.29 16.97 12.29
C LEU A 476 -37.49 17.06 13.58
N ALA A 477 -36.18 17.28 13.44
CA ALA A 477 -35.24 17.20 14.57
C ALA A 477 -35.39 18.32 15.57
N SER A 478 -35.77 19.49 15.09
CA SER A 478 -35.81 20.70 15.92
C SER A 478 -36.76 20.60 17.10
N GLY A 479 -37.74 19.70 16.97
CA GLY A 479 -38.76 19.54 18.01
C GLY A 479 -38.30 18.62 19.13
N PHE A 480 -37.05 18.17 19.05
CA PHE A 480 -36.53 17.22 20.04
C PHE A 480 -35.32 17.80 20.77
N PRO A 481 -35.23 17.56 22.10
CA PRO A 481 -36.15 16.79 22.96
C PRO A 481 -37.48 17.51 23.21
N LYS A 482 -38.60 16.76 23.27
CA LYS A 482 -39.93 17.34 23.44
C LYS A 482 -40.22 17.72 24.88
N ASP B 34 38.76 -23.62 -15.67
CA ASP B 34 40.19 -23.30 -15.57
C ASP B 34 40.41 -21.80 -15.46
N HIS B 35 40.59 -21.32 -14.23
CA HIS B 35 40.61 -19.89 -13.97
C HIS B 35 41.83 -19.16 -14.57
N LYS B 36 42.91 -19.89 -14.85
CA LYS B 36 44.09 -19.23 -15.41
C LYS B 36 43.97 -18.94 -16.92
N ALA B 37 43.42 -19.88 -17.69
CA ALA B 37 43.22 -19.63 -19.12
C ALA B 37 42.16 -18.56 -19.33
N LEU B 38 41.14 -18.58 -18.47
CA LEU B 38 40.06 -17.58 -18.54
C LEU B 38 40.62 -16.19 -18.27
N ALA B 39 41.42 -16.08 -17.22
CA ALA B 39 42.04 -14.79 -16.85
C ALA B 39 42.83 -14.19 -18.00
N ALA B 40 43.48 -15.04 -18.79
CA ALA B 40 44.30 -14.59 -19.92
C ALA B 40 43.46 -13.82 -20.94
N ARG B 41 42.15 -14.06 -20.93
CA ARG B 41 41.26 -13.49 -21.93
C ARG B 41 40.78 -12.08 -21.56
N PHE B 42 41.08 -11.66 -20.34
CA PHE B 42 40.63 -10.36 -19.86
C PHE B 42 41.76 -9.32 -19.85
N PRO B 43 41.43 -8.06 -20.16
CA PRO B 43 42.41 -6.96 -20.11
C PRO B 43 43.01 -6.81 -18.70
N GLY B 44 44.27 -6.40 -18.62
CA GLY B 44 44.96 -6.32 -17.34
C GLY B 44 44.31 -5.43 -16.30
N ASP B 45 43.55 -4.44 -16.76
CA ASP B 45 42.89 -3.51 -15.87
C ASP B 45 41.38 -3.80 -15.72
N PHE B 46 40.96 -5.02 -16.07
CA PHE B 46 39.55 -5.40 -15.96
C PHE B 46 39.11 -5.36 -14.50
N LEU B 47 37.88 -4.91 -14.26
CA LEU B 47 37.43 -4.71 -12.88
C LEU B 47 36.52 -5.85 -12.47
N PHE B 48 36.94 -6.63 -11.49
CA PHE B 48 36.09 -7.70 -10.94
C PHE B 48 35.48 -7.27 -9.61
N GLY B 49 34.18 -7.47 -9.46
CA GLY B 49 33.50 -7.05 -8.25
C GLY B 49 32.51 -8.06 -7.72
N VAL B 50 31.99 -7.79 -6.53
CA VAL B 50 30.84 -8.52 -5.98
C VAL B 50 29.74 -7.50 -5.68
N ALA B 51 28.47 -7.94 -5.77
CA ALA B 51 27.37 -7.00 -5.65
C ALA B 51 26.41 -7.35 -4.52
N THR B 52 25.70 -6.33 -4.05
CA THR B 52 24.87 -6.47 -2.87
C THR B 52 23.82 -5.33 -2.87
N ALA B 53 22.78 -5.42 -2.05
CA ALA B 53 21.79 -4.35 -1.97
C ALA B 53 21.37 -4.15 -0.53
N SER B 54 21.04 -2.91 -0.16
CA SER B 54 20.81 -2.55 1.24
C SER B 54 19.75 -3.39 1.98
N PHE B 55 18.52 -3.42 1.46
CA PHE B 55 17.45 -4.14 2.14
C PHE B 55 17.75 -5.63 2.17
N GLN B 56 18.50 -6.11 1.18
CA GLN B 56 18.76 -7.53 1.05
C GLN B 56 19.72 -8.06 2.10
N ILE B 57 20.63 -7.22 2.60
CA ILE B 57 21.65 -7.68 3.54
C ILE B 57 21.72 -6.97 4.90
N GLU B 58 21.22 -5.74 4.99
CA GLU B 58 21.56 -4.91 6.16
C GLU B 58 20.93 -5.36 7.48
N GLY B 59 19.64 -5.70 7.47
CA GLY B 59 18.96 -5.91 8.75
C GLY B 59 18.87 -4.57 9.47
N ALA B 60 18.75 -4.59 10.80
CA ALA B 60 18.72 -3.36 11.61
C ALA B 60 17.72 -2.34 11.05
N THR B 61 16.50 -2.80 10.82
CA THR B 61 15.50 -2.01 10.09
C THR B 61 14.88 -0.88 10.89
N LYS B 62 15.05 -0.92 12.21
CA LYS B 62 14.51 0.15 13.07
C LYS B 62 15.61 0.83 13.89
N VAL B 63 16.85 0.68 13.43
CA VAL B 63 18.02 1.14 14.15
C VAL B 63 18.50 2.51 13.67
N ASP B 64 18.92 3.34 14.61
CA ASP B 64 19.57 4.61 14.30
C ASP B 64 18.76 5.55 13.40
N GLY B 65 17.45 5.59 13.61
CA GLY B 65 16.61 6.52 12.88
C GLY B 65 15.99 6.03 11.57
N ARG B 66 16.31 4.82 11.16
CA ARG B 66 15.72 4.30 9.93
C ARG B 66 14.21 4.13 10.11
N LYS B 67 13.45 4.56 9.10
CA LYS B 67 12.00 4.41 9.08
C LYS B 67 11.61 3.38 8.03
N PRO B 68 10.35 2.93 8.03
CA PRO B 68 10.03 1.82 7.13
C PRO B 68 10.16 2.16 5.64
N SER B 69 10.46 1.13 4.86
CA SER B 69 10.47 1.24 3.41
C SER B 69 9.24 0.53 2.88
N ILE B 70 8.96 0.69 1.59
CA ILE B 70 7.83 -0.01 1.00
C ILE B 70 8.01 -1.52 1.05
N TRP B 71 9.25 -1.98 1.21
CA TRP B 71 9.52 -3.42 1.25
C TRP B 71 9.29 -3.96 2.65
N ASP B 72 9.44 -3.12 3.67
CA ASP B 72 9.08 -3.55 5.01
C ASP B 72 7.57 -3.83 5.02
N ALA B 73 6.81 -2.93 4.43
CA ALA B 73 5.36 -3.12 4.35
C ALA B 73 4.99 -4.34 3.52
N PHE B 74 5.65 -4.49 2.37
CA PHE B 74 5.31 -5.53 1.40
C PHE B 74 5.55 -6.90 2.03
N CYS B 75 6.68 -7.03 2.71
CA CYS B 75 7.08 -8.27 3.37
C CYS B 75 6.09 -8.68 4.44
N ASN B 76 5.65 -7.70 5.24
CA ASN B 76 4.86 -7.98 6.43
C ASN B 76 3.36 -8.12 6.18
N MET B 77 2.92 -7.81 4.97
CA MET B 77 1.54 -8.06 4.59
C MET B 77 1.44 -9.45 3.94
N PRO B 78 0.66 -10.37 4.56
CA PRO B 78 0.49 -11.72 4.00
C PRO B 78 0.16 -11.71 2.52
N GLY B 79 0.82 -12.57 1.75
CA GLY B 79 0.52 -12.73 0.34
C GLY B 79 1.59 -12.28 -0.65
N HIS B 80 2.54 -11.47 -0.21
CA HIS B 80 3.47 -10.83 -1.14
C HIS B 80 4.84 -11.50 -1.20
N VAL B 81 5.28 -12.03 -0.06
CA VAL B 81 6.64 -12.53 0.08
C VAL B 81 6.63 -13.91 0.74
N PHE B 82 7.33 -14.86 0.11
CA PHE B 82 7.40 -16.23 0.63
C PHE B 82 7.65 -16.31 2.14
N GLY B 83 6.83 -17.08 2.83
CA GLY B 83 6.98 -17.25 4.27
C GLY B 83 6.85 -15.98 5.10
N ARG B 84 6.36 -14.90 4.48
CA ARG B 84 6.36 -13.58 5.13
C ARG B 84 7.75 -13.20 5.65
N HIS B 85 8.79 -13.65 4.95
CA HIS B 85 10.15 -13.28 5.34
C HIS B 85 10.31 -11.78 5.16
N ASN B 86 11.04 -11.14 6.08
CA ASN B 86 11.27 -9.70 5.93
C ASN B 86 12.75 -9.36 5.99
N GLY B 87 13.07 -8.07 6.09
CA GLY B 87 14.46 -7.66 6.11
C GLY B 87 15.00 -7.31 7.48
N ASP B 88 14.29 -7.73 8.53
CA ASP B 88 14.60 -7.29 9.90
C ASP B 88 16.01 -7.66 10.32
N VAL B 89 16.43 -8.87 9.99
CA VAL B 89 17.77 -9.34 10.34
C VAL B 89 18.66 -9.49 9.13
N ALA B 90 18.11 -10.14 8.09
CA ALA B 90 18.84 -10.37 6.85
C ALA B 90 20.20 -11.02 7.11
N CYS B 91 21.26 -10.40 6.60
CA CYS B 91 22.62 -10.91 6.83
C CYS B 91 23.31 -10.12 7.94
N ASP B 92 22.55 -9.28 8.63
CA ASP B 92 23.07 -8.51 9.76
C ASP B 92 24.29 -7.68 9.35
N HIS B 93 24.28 -7.18 8.11
CA HIS B 93 25.42 -6.45 7.55
C HIS B 93 25.63 -5.09 8.21
N TYR B 94 24.55 -4.50 8.73
CA TYR B 94 24.66 -3.24 9.46
C TYR B 94 25.66 -3.40 10.60
N ASN B 95 25.56 -4.51 11.31
CA ASN B 95 26.47 -4.75 12.43
C ASN B 95 27.77 -5.45 12.03
N ARG B 96 27.80 -6.07 10.86
CA ARG B 96 28.93 -6.92 10.48
C ARG B 96 29.69 -6.44 9.25
N TRP B 97 29.42 -5.21 8.82
CA TRP B 97 29.97 -4.67 7.57
C TRP B 97 31.49 -4.77 7.48
N GLU B 98 32.16 -4.67 8.62
CA GLU B 98 33.62 -4.68 8.66
C GLU B 98 34.17 -6.08 8.34
N ASP B 99 33.62 -7.10 8.97
CA ASP B 99 34.00 -8.46 8.67
C ASP B 99 33.73 -8.75 7.19
N ASP B 100 32.59 -8.26 6.71
CA ASP B 100 32.24 -8.44 5.30
C ASP B 100 33.23 -7.75 4.36
N LEU B 101 33.69 -6.55 4.73
CA LEU B 101 34.71 -5.87 3.92
C LEU B 101 36.04 -6.64 3.92
N ASP B 102 36.41 -7.19 5.08
CA ASP B 102 37.64 -7.97 5.18
C ASP B 102 37.54 -9.23 4.32
N LEU B 103 36.35 -9.83 4.28
CA LEU B 103 36.11 -11.01 3.44
C LEU B 103 36.34 -10.68 1.98
N ILE B 104 35.75 -9.58 1.52
CA ILE B 104 35.96 -9.12 0.15
C ILE B 104 37.46 -8.94 -0.14
N LYS B 105 38.16 -8.29 0.78
CA LYS B 105 39.60 -8.11 0.59
C LYS B 105 40.33 -9.45 0.59
N GLU B 106 39.96 -10.32 1.54
CA GLU B 106 40.52 -11.67 1.61
C GLU B 106 40.27 -12.48 0.32
N MET B 107 39.13 -12.27 -0.32
CA MET B 107 38.84 -12.91 -1.60
C MET B 107 39.63 -12.31 -2.75
N GLY B 108 40.21 -11.14 -2.52
CA GLY B 108 41.01 -10.50 -3.57
C GLY B 108 40.19 -9.86 -4.66
N VAL B 109 38.93 -9.54 -4.35
CA VAL B 109 38.06 -8.89 -5.33
C VAL B 109 38.28 -7.38 -5.25
N GLU B 110 38.47 -6.72 -6.39
CA GLU B 110 38.83 -5.30 -6.36
C GLU B 110 37.67 -4.35 -6.06
N ALA B 111 36.47 -4.70 -6.50
CA ALA B 111 35.36 -3.75 -6.41
C ALA B 111 34.16 -4.28 -5.62
N TYR B 112 33.45 -3.38 -4.93
CA TYR B 112 32.24 -3.70 -4.18
C TYR B 112 31.11 -2.79 -4.65
N ARG B 113 30.05 -3.42 -5.16
CA ARG B 113 28.86 -2.71 -5.57
C ARG B 113 27.81 -2.90 -4.47
N PHE B 114 27.26 -1.79 -3.96
CA PHE B 114 26.32 -1.84 -2.85
C PHE B 114 25.28 -0.74 -3.04
N SER B 115 24.17 -0.80 -2.32
CA SER B 115 23.22 0.30 -2.41
C SER B 115 23.08 1.09 -1.10
N ILE B 116 22.61 2.33 -1.23
CA ILE B 116 22.40 3.21 -0.07
C ILE B 116 20.94 3.23 0.28
N ALA B 117 20.62 3.02 1.56
CA ALA B 117 19.22 2.98 2.00
C ALA B 117 18.69 4.38 2.25
N TRP B 118 17.89 4.89 1.32
CA TRP B 118 17.14 6.13 1.50
C TRP B 118 16.39 6.18 2.85
N PRO B 119 15.77 5.07 3.29
CA PRO B 119 15.10 5.11 4.60
C PRO B 119 16.02 5.39 5.79
N ARG B 120 17.34 5.25 5.61
CA ARG B 120 18.28 5.62 6.65
C ARG B 120 18.72 7.07 6.52
N ILE B 121 18.77 7.56 5.29
CA ILE B 121 19.37 8.86 5.01
C ILE B 121 18.34 9.98 5.18
N ILE B 122 17.18 9.83 4.55
CA ILE B 122 16.06 10.76 4.73
C ILE B 122 14.83 9.91 4.95
N PRO B 123 14.61 9.48 6.20
CA PRO B 123 13.69 8.42 6.59
C PRO B 123 12.24 8.61 6.15
N ASP B 124 11.74 9.85 6.04
CA ASP B 124 10.38 10.05 5.54
C ASP B 124 10.35 10.31 4.04
N GLY B 125 11.51 10.27 3.40
CA GLY B 125 11.58 10.53 1.97
C GLY B 125 11.90 11.99 1.72
N PHE B 126 10.97 12.86 2.10
CA PHE B 126 11.25 14.28 2.29
C PHE B 126 11.55 14.42 3.77
N GLY B 127 11.79 15.64 4.23
CA GLY B 127 12.01 15.89 5.66
C GLY B 127 13.47 15.92 6.04
N PRO B 128 13.75 15.93 7.36
CA PRO B 128 15.11 16.09 7.89
C PRO B 128 16.07 14.97 7.52
N ILE B 129 17.33 15.35 7.26
CA ILE B 129 18.41 14.39 7.03
C ILE B 129 18.78 13.70 8.33
N ASN B 130 18.92 12.37 8.27
CA ASN B 130 19.38 11.59 9.41
C ASN B 130 20.89 11.42 9.34
N GLU B 131 21.64 12.31 9.99
CA GLU B 131 23.09 12.29 9.89
C GLU B 131 23.70 10.96 10.31
N LYS B 132 23.05 10.24 11.24
CA LYS B 132 23.54 8.94 11.69
C LYS B 132 23.39 7.89 10.59
N GLY B 133 22.38 8.05 9.74
CA GLY B 133 22.26 7.22 8.55
C GLY B 133 23.42 7.44 7.59
N LEU B 134 23.72 8.71 7.29
CA LEU B 134 24.88 9.03 6.45
C LEU B 134 26.17 8.49 7.06
N ASP B 135 26.30 8.56 8.39
CA ASP B 135 27.50 8.11 9.08
C ASP B 135 27.80 6.64 8.79
N PHE B 136 26.75 5.84 8.65
CA PHE B 136 26.96 4.42 8.37
C PHE B 136 27.72 4.22 7.04
N TYR B 137 27.24 4.85 5.98
CA TYR B 137 27.89 4.70 4.69
C TYR B 137 29.23 5.44 4.59
N ASP B 138 29.32 6.59 5.25
CA ASP B 138 30.60 7.32 5.37
C ASP B 138 31.69 6.37 5.89
N ARG B 139 31.36 5.66 6.95
CA ARG B 139 32.28 4.72 7.61
C ARG B 139 32.61 3.52 6.70
N LEU B 140 31.56 2.97 6.08
CA LEU B 140 31.69 1.92 5.09
C LEU B 140 32.64 2.30 3.94
N VAL B 141 32.41 3.48 3.36
CA VAL B 141 33.24 3.94 2.25
C VAL B 141 34.70 4.17 2.69
N ASP B 142 34.89 4.67 3.91
CA ASP B 142 36.23 4.82 4.46
C ASP B 142 36.90 3.44 4.58
N GLY B 143 36.14 2.45 5.04
CA GLY B 143 36.66 1.11 5.18
C GLY B 143 37.13 0.53 3.86
N CYS B 144 36.42 0.86 2.78
CA CYS B 144 36.79 0.39 1.45
C CYS B 144 38.05 1.09 0.92
N LYS B 145 38.11 2.42 1.11
CA LYS B 145 39.29 3.21 0.73
C LYS B 145 40.55 2.63 1.34
N ALA B 146 40.47 2.36 2.63
CA ALA B 146 41.60 1.85 3.41
C ALA B 146 42.10 0.51 2.88
N ARG B 147 41.16 -0.30 2.39
CA ARG B 147 41.45 -1.65 1.89
C ARG B 147 41.68 -1.71 0.38
N GLY B 148 41.58 -0.56 -0.29
CA GLY B 148 41.77 -0.52 -1.73
C GLY B 148 40.62 -1.14 -2.51
N ILE B 149 39.46 -1.23 -1.86
CA ILE B 149 38.26 -1.76 -2.51
C ILE B 149 37.52 -0.63 -3.21
N LYS B 150 37.36 -0.73 -4.53
CA LYS B 150 36.65 0.30 -5.29
C LYS B 150 35.15 0.28 -4.98
N THR B 151 34.55 1.47 -4.90
CA THR B 151 33.14 1.58 -4.49
C THR B 151 32.21 1.96 -5.65
N TYR B 152 31.25 1.09 -5.92
CA TYR B 152 30.23 1.35 -6.92
C TYR B 152 28.88 1.40 -6.22
N ALA B 153 28.44 2.61 -5.86
CA ALA B 153 27.24 2.78 -5.04
C ALA B 153 26.00 2.94 -5.89
N THR B 154 24.91 2.28 -5.49
CA THR B 154 23.62 2.48 -6.11
C THR B 154 22.77 3.33 -5.16
N LEU B 155 22.25 4.45 -5.67
CA LEU B 155 21.42 5.34 -4.85
C LEU B 155 20.06 4.73 -4.50
N TYR B 156 19.43 4.09 -5.49
CA TYR B 156 18.11 3.51 -5.27
C TYR B 156 18.03 2.06 -5.74
N HIS B 157 17.98 1.13 -4.79
CA HIS B 157 17.81 -0.28 -5.07
C HIS B 157 16.51 -0.77 -4.41
N TRP B 158 15.43 -0.01 -4.63
CA TRP B 158 14.02 -0.39 -4.40
C TRP B 158 13.44 -0.08 -3.03
N ASP B 159 14.26 0.39 -2.10
CA ASP B 159 13.75 0.61 -0.75
C ASP B 159 13.23 2.04 -0.56
N LEU B 160 12.15 2.37 -1.27
CA LEU B 160 11.53 3.69 -1.15
C LEU B 160 10.98 3.87 0.25
N PRO B 161 11.25 5.03 0.88
CA PRO B 161 10.65 5.33 2.19
C PRO B 161 9.14 5.24 2.13
N LEU B 162 8.54 4.53 3.09
CA LEU B 162 7.12 4.24 3.04
C LEU B 162 6.31 5.54 3.01
N THR B 163 6.76 6.55 3.74
CA THR B 163 6.01 7.80 3.83
C THR B 163 5.64 8.41 2.46
N LEU B 164 6.53 8.28 1.48
CA LEU B 164 6.29 8.83 0.15
C LEU B 164 5.12 8.20 -0.56
N MET B 165 4.70 7.01 -0.12
CA MET B 165 3.52 6.41 -0.72
C MET B 165 2.29 7.27 -0.46
N GLY B 166 2.33 8.07 0.62
CA GLY B 166 1.23 8.96 0.95
C GLY B 166 0.93 9.94 -0.18
N ASP B 167 1.97 10.31 -0.92
CA ASP B 167 1.85 11.23 -2.06
C ASP B 167 1.50 10.50 -3.36
N GLY B 168 1.61 9.18 -3.35
CA GLY B 168 1.41 8.42 -4.58
C GLY B 168 2.63 7.61 -4.98
N GLY B 169 3.67 7.68 -4.15
CA GLY B 169 4.91 6.97 -4.45
C GLY B 169 5.44 7.40 -5.80
N TRP B 170 5.91 6.44 -6.60
CA TRP B 170 6.52 6.78 -7.87
C TRP B 170 5.49 7.25 -8.89
N ALA B 171 4.21 7.08 -8.57
CA ALA B 171 3.15 7.60 -9.43
C ALA B 171 3.01 9.11 -9.32
N SER B 172 3.72 9.70 -8.36
CA SER B 172 3.68 11.16 -8.17
C SER B 172 5.00 11.80 -8.55
N ARG B 173 4.94 12.89 -9.29
CA ARG B 173 6.15 13.57 -9.74
C ARG B 173 6.99 14.09 -8.59
N SER B 174 6.34 14.49 -7.50
CA SER B 174 7.03 14.99 -6.31
C SER B 174 8.07 13.99 -5.82
N THR B 175 7.80 12.70 -6.01
CA THR B 175 8.74 11.67 -5.56
C THR B 175 10.07 11.74 -6.31
N ALA B 176 10.03 12.15 -7.56
CA ALA B 176 11.29 12.38 -8.28
C ALA B 176 12.08 13.51 -7.62
N HIS B 177 11.36 14.53 -7.14
CA HIS B 177 12.05 15.63 -6.47
C HIS B 177 12.58 15.26 -5.09
N ALA B 178 11.88 14.36 -4.40
CA ALA B 178 12.40 13.81 -3.14
C ALA B 178 13.71 13.08 -3.41
N PHE B 179 13.75 12.33 -4.51
CA PHE B 179 15.00 11.64 -4.86
C PHE B 179 16.14 12.59 -5.21
N GLN B 180 15.81 13.65 -5.94
CA GLN B 180 16.77 14.68 -6.33
C GLN B 180 17.50 15.20 -5.09
N ARG B 181 16.73 15.54 -4.06
CA ARG B 181 17.32 16.03 -2.81
C ARG B 181 18.11 14.93 -2.09
N TYR B 182 17.61 13.71 -2.12
CA TYR B 182 18.31 12.56 -1.54
C TYR B 182 19.67 12.32 -2.23
N ALA B 183 19.67 12.25 -3.56
CA ALA B 183 20.91 12.07 -4.31
C ALA B 183 21.95 13.11 -3.91
N LYS B 184 21.55 14.38 -3.89
CA LYS B 184 22.44 15.48 -3.49
C LYS B 184 23.00 15.28 -2.10
N THR B 185 22.13 14.87 -1.18
CA THR B 185 22.53 14.67 0.21
C THR B 185 23.59 13.58 0.33
N VAL B 186 23.35 12.44 -0.33
CA VAL B 186 24.32 11.33 -0.31
C VAL B 186 25.63 11.71 -0.98
N MET B 187 25.56 12.31 -2.15
CA MET B 187 26.78 12.58 -2.90
C MET B 187 27.61 13.69 -2.24
N ALA B 188 26.96 14.57 -1.50
CA ALA B 188 27.68 15.64 -0.80
C ALA B 188 28.59 15.02 0.27
N ARG B 189 28.14 13.94 0.88
CA ARG B 189 28.90 13.31 1.94
C ARG B 189 29.93 12.32 1.39
N LEU B 190 29.51 11.52 0.43
CA LEU B 190 30.35 10.40 -0.03
C LEU B 190 31.13 10.71 -1.32
N GLY B 191 30.77 11.80 -1.98
CA GLY B 191 31.30 12.10 -3.31
C GLY B 191 32.80 12.32 -3.39
N ASP B 192 33.45 12.59 -2.27
CA ASP B 192 34.90 12.82 -2.27
C ASP B 192 35.66 11.51 -2.37
N ARG B 193 34.97 10.38 -2.15
CA ARG B 193 35.64 9.09 -2.09
C ARG B 193 35.09 8.00 -3.02
N LEU B 194 33.81 8.09 -3.36
CA LEU B 194 33.16 7.07 -4.20
C LEU B 194 33.86 6.92 -5.55
N ASP B 195 34.08 5.68 -5.99
CA ASP B 195 34.69 5.48 -7.30
C ASP B 195 33.67 5.58 -8.44
N ALA B 196 32.41 5.26 -8.16
CA ALA B 196 31.37 5.38 -9.17
C ALA B 196 30.01 5.39 -8.50
N VAL B 197 29.02 5.96 -9.18
CA VAL B 197 27.66 5.95 -8.64
C VAL B 197 26.65 5.64 -9.73
N ALA B 198 25.65 4.83 -9.38
CA ALA B 198 24.50 4.59 -10.26
C ALA B 198 23.29 5.17 -9.56
N THR B 199 22.44 5.87 -10.29
CA THR B 199 21.22 6.42 -9.73
C THR B 199 20.27 5.30 -9.34
N PHE B 200 19.86 4.52 -10.34
CA PHE B 200 18.90 3.44 -10.13
C PHE B 200 19.41 2.05 -10.47
N ASN B 201 18.92 1.07 -9.74
CA ASN B 201 19.08 -0.32 -10.14
C ASN B 201 17.76 -0.83 -10.73
N GLU B 202 17.79 -1.32 -11.96
CA GLU B 202 16.66 -2.02 -12.57
C GLU B 202 15.29 -1.32 -12.55
N PRO B 203 15.17 -0.22 -13.31
CA PRO B 203 13.88 0.45 -13.45
C PRO B 203 12.79 -0.53 -13.88
N TRP B 204 13.11 -1.54 -14.68
CA TRP B 204 12.11 -2.53 -15.10
C TRP B 204 11.38 -3.14 -13.92
N CYS B 205 12.11 -3.46 -12.85
CA CYS B 205 11.50 -4.04 -11.67
C CYS B 205 10.71 -3.01 -10.88
N ALA B 206 11.35 -1.87 -10.63
CA ALA B 206 10.76 -0.77 -9.85
C ALA B 206 9.52 -0.23 -10.55
N VAL B 207 9.49 -0.33 -11.87
CA VAL B 207 8.36 0.15 -12.65
C VAL B 207 7.33 -0.97 -12.93
N TRP B 208 7.60 -1.85 -13.90
CA TRP B 208 6.57 -2.80 -14.33
C TRP B 208 6.29 -3.90 -13.33
N LEU B 209 7.35 -4.50 -12.80
CA LEU B 209 7.20 -5.61 -11.85
C LEU B 209 6.50 -5.15 -10.58
N SER B 210 6.66 -3.87 -10.27
CA SER B 210 6.13 -3.29 -9.05
C SER B 210 4.75 -2.64 -9.21
N HIS B 211 4.47 -2.08 -10.39
CA HIS B 211 3.25 -1.27 -10.54
C HIS B 211 2.28 -1.85 -11.55
N LEU B 212 2.77 -2.77 -12.40
CA LEU B 212 1.92 -3.41 -13.40
C LEU B 212 1.64 -4.88 -13.09
N TYR B 213 2.64 -5.58 -12.57
CA TYR B 213 2.53 -7.02 -12.32
C TYR B 213 2.23 -7.37 -10.87
N GLY B 214 2.39 -6.39 -9.97
CA GLY B 214 2.07 -6.59 -8.56
C GLY B 214 3.00 -7.51 -7.77
N ILE B 215 4.14 -7.86 -8.37
CA ILE B 215 5.05 -8.86 -7.81
C ILE B 215 6.06 -8.27 -6.79
N HIS B 216 6.46 -7.02 -7.02
CA HIS B 216 7.38 -6.30 -6.12
C HIS B 216 6.66 -5.12 -5.49
N ALA B 217 7.20 -4.60 -4.40
CA ALA B 217 6.62 -3.44 -3.72
C ALA B 217 6.50 -2.23 -4.67
N PRO B 218 5.36 -1.51 -4.65
CA PRO B 218 4.28 -1.59 -3.68
C PRO B 218 3.15 -2.54 -4.09
N GLY B 219 3.35 -3.33 -5.14
CA GLY B 219 2.41 -4.39 -5.45
C GLY B 219 1.18 -3.96 -6.23
N GLU B 220 1.30 -2.95 -7.07
CA GLU B 220 0.15 -2.48 -7.85
C GLU B 220 0.02 -3.23 -9.18
N ARG B 221 -1.20 -3.27 -9.73
CA ARG B 221 -1.43 -3.81 -11.07
C ARG B 221 -2.30 -2.84 -11.87
N ASN B 222 -1.68 -1.79 -12.36
CA ASN B 222 -2.44 -0.72 -12.99
C ASN B 222 -1.56 0.02 -13.99
N MET B 223 -2.00 0.08 -15.25
CA MET B 223 -1.18 0.69 -16.30
C MET B 223 -0.94 2.19 -16.08
N GLU B 224 -1.97 2.93 -15.66
CA GLU B 224 -1.78 4.35 -15.35
C GLU B 224 -0.74 4.54 -14.27
N ALA B 225 -0.83 3.74 -13.20
CA ALA B 225 0.16 3.82 -12.12
C ALA B 225 1.55 3.48 -12.63
N ALA B 226 1.65 2.41 -13.43
CA ALA B 226 2.95 1.97 -13.93
C ALA B 226 3.57 2.98 -14.91
N LEU B 227 2.75 3.55 -15.78
CA LEU B 227 3.26 4.53 -16.73
C LEU B 227 3.76 5.77 -15.99
N ALA B 228 3.09 6.15 -14.90
CA ALA B 228 3.55 7.31 -14.13
C ALA B 228 4.88 6.99 -13.45
N ALA B 229 4.97 5.81 -12.85
CA ALA B 229 6.23 5.35 -12.27
C ALA B 229 7.35 5.35 -13.30
N MET B 230 7.03 4.87 -14.49
CA MET B 230 7.99 4.83 -15.60
C MET B 230 8.59 6.20 -15.84
N HIS B 231 7.76 7.20 -16.13
CA HIS B 231 8.29 8.50 -16.47
C HIS B 231 8.97 9.15 -15.26
N HIS B 232 8.42 8.94 -14.07
CA HIS B 232 8.97 9.62 -12.89
C HIS B 232 10.29 9.01 -12.44
N ILE B 233 10.50 7.72 -12.68
CA ILE B 233 11.79 7.11 -12.39
C ILE B 233 12.83 7.51 -13.43
N ASN B 234 12.45 7.59 -14.70
CA ASN B 234 13.36 8.12 -15.71
C ASN B 234 13.75 9.55 -15.33
N LEU B 235 12.77 10.34 -14.91
CA LEU B 235 12.99 11.73 -14.54
C LEU B 235 13.87 11.83 -13.29
N ALA B 236 13.54 11.08 -12.25
CA ALA B 236 14.37 11.04 -11.04
C ALA B 236 15.81 10.66 -11.37
N HIS B 237 15.99 9.71 -12.29
CA HIS B 237 17.34 9.38 -12.74
C HIS B 237 18.03 10.64 -13.24
N GLY B 238 17.33 11.39 -14.08
CA GLY B 238 17.89 12.61 -14.66
C GLY B 238 18.24 13.63 -13.59
N PHE B 239 17.33 13.82 -12.65
CA PHE B 239 17.56 14.72 -11.53
C PHE B 239 18.81 14.28 -10.78
N GLY B 240 18.96 12.97 -10.65
CA GLY B 240 20.05 12.38 -9.90
C GLY B 240 21.37 12.63 -10.58
N VAL B 241 21.40 12.52 -11.91
CA VAL B 241 22.62 12.80 -12.66
C VAL B 241 23.07 14.24 -12.45
N GLU B 242 22.13 15.17 -12.57
CA GLU B 242 22.46 16.59 -12.40
C GLU B 242 22.93 16.88 -10.97
N ALA B 243 22.22 16.33 -9.99
CA ALA B 243 22.55 16.56 -8.59
C ALA B 243 23.93 16.03 -8.25
N SER B 244 24.22 14.81 -8.68
CA SER B 244 25.52 14.21 -8.37
C SER B 244 26.65 15.02 -9.00
N ARG B 245 26.42 15.51 -10.22
CA ARG B 245 27.49 16.21 -10.92
C ARG B 245 27.74 17.62 -10.38
N HIS B 246 26.72 18.20 -9.75
CA HIS B 246 26.88 19.52 -9.14
C HIS B 246 27.73 19.41 -7.86
N VAL B 247 27.47 18.39 -7.06
CA VAL B 247 28.14 18.27 -5.77
C VAL B 247 29.41 17.41 -5.82
N ALA B 248 29.52 16.54 -6.82
CA ALA B 248 30.66 15.64 -6.94
C ALA B 248 31.00 15.36 -8.40
N PRO B 249 31.47 16.40 -9.11
CA PRO B 249 31.69 16.29 -10.56
C PRO B 249 32.72 15.23 -10.95
N LYS B 250 33.58 14.82 -10.02
CA LYS B 250 34.63 13.85 -10.33
C LYS B 250 34.16 12.39 -10.39
N VAL B 251 32.99 12.11 -9.83
CA VAL B 251 32.50 10.75 -9.76
C VAL B 251 31.76 10.35 -11.04
N PRO B 252 32.22 9.25 -11.68
CA PRO B 252 31.55 8.69 -12.85
C PRO B 252 30.09 8.29 -12.54
N VAL B 253 29.15 8.81 -13.31
CA VAL B 253 27.73 8.54 -13.07
C VAL B 253 27.16 7.54 -14.08
N GLY B 254 26.34 6.61 -13.59
CA GLY B 254 25.71 5.63 -14.45
C GLY B 254 24.30 5.23 -14.05
N LEU B 255 23.81 4.19 -14.72
CA LEU B 255 22.46 3.68 -14.51
C LEU B 255 22.52 2.20 -14.74
N VAL B 256 21.90 1.44 -13.84
CA VAL B 256 21.97 -0.02 -13.92
C VAL B 256 20.64 -0.57 -14.41
N LEU B 257 20.71 -1.32 -15.51
CA LEU B 257 19.48 -1.81 -16.15
C LEU B 257 19.52 -3.32 -16.37
N ASN B 258 18.42 -4.00 -16.01
CA ASN B 258 18.26 -5.38 -16.48
C ASN B 258 17.62 -5.37 -17.86
N ALA B 259 18.42 -5.06 -18.88
CA ALA B 259 17.94 -5.09 -20.25
C ALA B 259 17.63 -6.54 -20.60
N HIS B 260 16.47 -6.79 -21.19
CA HIS B 260 16.09 -8.17 -21.47
C HIS B 260 16.56 -8.61 -22.84
N SER B 261 17.17 -9.79 -22.89
CA SER B 261 17.56 -10.39 -24.16
C SER B 261 16.30 -11.07 -24.70
N VAL B 262 15.54 -10.33 -25.50
CA VAL B 262 14.27 -10.82 -26.01
C VAL B 262 14.50 -11.73 -27.21
N ILE B 263 14.02 -12.96 -27.13
CA ILE B 263 14.18 -13.91 -28.24
C ILE B 263 12.81 -14.46 -28.64
N PRO B 264 12.42 -14.25 -29.91
CA PRO B 264 11.09 -14.71 -30.36
C PRO B 264 10.98 -16.24 -30.35
N ALA B 265 9.77 -16.76 -30.15
CA ALA B 265 9.56 -18.21 -30.04
C ALA B 265 9.88 -18.92 -31.34
N SER B 266 9.68 -18.21 -32.45
CA SER B 266 9.93 -18.76 -33.78
C SER B 266 10.38 -17.64 -34.70
N ASN B 267 10.67 -17.99 -35.95
CA ASN B 267 11.11 -17.01 -36.95
C ASN B 267 9.95 -16.47 -37.77
N SER B 268 8.73 -16.78 -37.34
CA SER B 268 7.55 -16.24 -38.00
C SER B 268 7.54 -14.71 -37.93
N ASP B 269 6.80 -14.08 -38.83
CA ASP B 269 6.70 -12.63 -38.84
C ASP B 269 6.04 -12.11 -37.57
N ALA B 270 4.98 -12.80 -37.15
CA ALA B 270 4.22 -12.41 -35.97
C ALA B 270 5.12 -12.43 -34.74
N ASP B 271 5.89 -13.50 -34.59
CA ASP B 271 6.81 -13.61 -33.47
C ASP B 271 7.96 -12.60 -33.55
N MET B 272 8.35 -12.22 -34.77
CA MET B 272 9.38 -11.19 -34.93
C MET B 272 8.87 -9.82 -34.46
N LYS B 273 7.71 -9.41 -34.98
CA LYS B 273 7.12 -8.13 -34.58
C LYS B 273 6.86 -8.12 -33.07
N ALA B 274 6.38 -9.24 -32.55
CA ALA B 274 6.17 -9.41 -31.12
C ALA B 274 7.45 -9.12 -30.33
N ALA B 275 8.56 -9.69 -30.79
CA ALA B 275 9.85 -9.52 -30.14
C ALA B 275 10.22 -8.04 -30.05
N GLU B 276 9.92 -7.30 -31.12
CA GLU B 276 10.21 -5.87 -31.16
C GLU B 276 9.33 -5.06 -30.21
N ARG B 277 8.02 -5.33 -30.21
CA ARG B 277 7.12 -4.66 -29.27
C ARG B 277 7.60 -4.93 -27.84
N ALA B 278 7.95 -6.19 -27.59
CA ALA B 278 8.46 -6.60 -26.29
C ALA B 278 9.73 -5.82 -25.96
N PHE B 279 10.57 -5.59 -26.95
CA PHE B 279 11.81 -4.86 -26.71
C PHE B 279 11.51 -3.41 -26.36
N GLN B 280 10.60 -2.78 -27.09
CA GLN B 280 10.24 -1.39 -26.84
C GLN B 280 9.66 -1.18 -25.44
N PHE B 281 8.80 -2.09 -25.01
CA PHE B 281 8.13 -1.97 -23.72
C PHE B 281 9.06 -2.29 -22.55
N HIS B 282 9.77 -3.41 -22.65
CA HIS B 282 10.57 -3.91 -21.55
C HIS B 282 11.95 -3.24 -21.45
N ASN B 283 12.48 -2.80 -22.58
CA ASN B 283 13.77 -2.15 -22.61
C ASN B 283 13.68 -0.71 -23.06
N GLY B 284 12.97 -0.49 -24.17
CA GLY B 284 12.89 0.81 -24.77
C GLY B 284 12.33 1.90 -23.86
N ALA B 285 11.47 1.52 -22.92
CA ALA B 285 10.82 2.48 -22.02
C ALA B 285 11.87 3.20 -21.18
N PHE B 286 13.05 2.58 -21.08
CA PHE B 286 14.14 3.11 -20.29
C PHE B 286 15.33 3.51 -21.16
N PHE B 287 15.74 2.65 -22.08
CA PHE B 287 16.90 2.94 -22.92
C PHE B 287 16.67 4.11 -23.85
N ASP B 288 15.49 4.15 -24.49
CA ASP B 288 15.23 5.23 -25.44
C ASP B 288 15.19 6.63 -24.81
N PRO B 289 14.49 6.80 -23.66
CA PRO B 289 14.53 8.13 -23.04
C PRO B 289 15.94 8.52 -22.60
N VAL B 290 16.67 7.60 -21.98
CA VAL B 290 17.99 7.90 -21.42
C VAL B 290 19.05 8.07 -22.51
N PHE B 291 19.00 7.21 -23.52
CA PHE B 291 20.04 7.24 -24.57
C PHE B 291 19.65 7.88 -25.90
N LYS B 292 18.36 8.20 -26.08
CA LYS B 292 17.92 8.90 -27.29
C LYS B 292 17.03 10.13 -27.04
N GLY B 293 16.62 10.33 -25.80
CA GLY B 293 15.83 11.49 -25.46
C GLY B 293 14.42 11.43 -26.01
N GLU B 294 13.89 10.23 -26.17
CA GLU B 294 12.52 10.06 -26.62
C GLU B 294 11.97 8.72 -26.16
N TYR B 295 10.64 8.58 -26.16
CA TYR B 295 10.03 7.30 -25.84
C TYR B 295 9.83 6.51 -27.14
N PRO B 296 9.76 5.17 -27.04
CA PRO B 296 9.55 4.33 -28.24
C PRO B 296 8.23 4.67 -28.92
N ALA B 297 8.28 4.93 -30.22
CA ALA B 297 7.13 5.47 -30.96
C ALA B 297 5.89 4.60 -30.92
N GLU B 298 6.05 3.31 -31.21
CA GLU B 298 4.90 2.41 -31.23
C GLU B 298 4.30 2.23 -29.83
N MET B 299 5.14 2.36 -28.80
CA MET B 299 4.65 2.24 -27.42
C MET B 299 3.83 3.46 -27.04
N ILE B 300 4.28 4.64 -27.49
CA ILE B 300 3.57 5.90 -27.28
C ILE B 300 2.21 5.92 -27.99
N GLU B 301 2.14 5.26 -29.14
CA GLU B 301 0.89 5.13 -29.87
C GLU B 301 -0.09 4.36 -29.03
N ALA B 302 0.38 3.24 -28.49
CA ALA B 302 -0.50 2.38 -27.71
C ALA B 302 -0.82 2.95 -26.33
N LEU B 303 0.18 3.54 -25.67
CA LEU B 303 0.06 3.85 -24.24
C LEU B 303 0.19 5.33 -23.88
N GLY B 304 0.51 6.18 -24.86
CA GLY B 304 0.85 7.56 -24.59
C GLY B 304 -0.26 8.39 -23.96
N SER B 305 -1.51 8.06 -24.26
CA SER B 305 -2.64 8.81 -23.71
C SER B 305 -2.80 8.58 -22.21
N ARG B 306 -2.26 7.46 -21.72
CA ARG B 306 -2.38 7.15 -20.29
C ARG B 306 -1.13 7.54 -19.48
N MET B 307 -0.19 8.21 -20.14
CA MET B 307 1.01 8.69 -19.48
C MET B 307 0.75 9.96 -18.65
N PRO B 308 1.61 10.20 -17.64
CA PRO B 308 1.60 11.47 -16.89
C PRO B 308 2.06 12.61 -17.78
N VAL B 309 1.97 13.85 -17.30
CA VAL B 309 2.45 14.99 -18.08
C VAL B 309 3.96 14.87 -18.31
N VAL B 310 4.41 15.09 -19.54
CA VAL B 310 5.83 15.19 -19.83
C VAL B 310 6.16 16.67 -20.04
N GLU B 311 6.78 17.30 -19.05
CA GLU B 311 7.04 18.74 -19.14
C GLU B 311 8.13 19.00 -20.18
N ALA B 312 8.23 20.25 -20.61
CA ALA B 312 9.09 20.64 -21.73
C ALA B 312 10.54 20.13 -21.63
N GLU B 313 11.08 20.15 -20.42
CA GLU B 313 12.49 19.85 -20.20
C GLU B 313 12.80 18.40 -19.82
N ASP B 314 11.76 17.58 -19.58
CA ASP B 314 11.96 16.23 -19.02
C ASP B 314 12.92 15.35 -19.82
N LEU B 315 12.70 15.24 -21.12
CA LEU B 315 13.46 14.29 -21.93
C LEU B 315 14.94 14.67 -22.06
N SER B 316 15.23 15.96 -22.04
CA SER B 316 16.61 16.41 -22.13
C SER B 316 17.33 16.18 -20.79
N ILE B 317 16.59 16.32 -19.70
CA ILE B 317 17.11 15.96 -18.38
C ILE B 317 17.35 14.46 -18.30
N ILE B 318 16.37 13.68 -18.75
CA ILE B 318 16.48 12.23 -18.69
C ILE B 318 17.70 11.72 -19.48
N SER B 319 18.03 12.41 -20.57
CA SER B 319 19.03 11.92 -21.50
C SER B 319 20.42 12.58 -21.38
N GLN B 320 20.76 13.06 -20.19
CA GLN B 320 22.11 13.58 -19.95
C GLN B 320 23.11 12.46 -20.19
N LYS B 321 24.30 12.79 -20.68
CA LYS B 321 25.33 11.78 -20.94
C LYS B 321 25.79 11.10 -19.67
N LEU B 322 25.88 9.77 -19.74
CA LEU B 322 26.39 9.00 -18.62
C LEU B 322 27.85 8.61 -18.90
N ASP B 323 28.60 8.39 -17.82
CA ASP B 323 30.00 7.99 -17.92
C ASP B 323 30.16 6.49 -18.10
N TRP B 324 29.18 5.73 -17.59
CA TRP B 324 29.15 4.28 -17.76
C TRP B 324 27.69 3.81 -17.62
N TRP B 325 27.45 2.53 -17.89
CA TRP B 325 26.12 1.96 -17.60
C TRP B 325 26.32 0.53 -17.17
N GLY B 326 25.37 0.02 -16.40
CA GLY B 326 25.51 -1.29 -15.83
C GLY B 326 24.45 -2.23 -16.36
N LEU B 327 24.90 -3.40 -16.84
CA LEU B 327 23.96 -4.41 -17.31
C LEU B 327 23.80 -5.52 -16.29
N ASN B 328 22.56 -5.80 -15.89
CA ASN B 328 22.26 -6.96 -15.07
C ASN B 328 21.73 -8.05 -16.00
N TYR B 329 22.35 -9.22 -15.97
CA TYR B 329 21.88 -10.33 -16.83
C TYR B 329 21.82 -11.66 -16.09
N TYR B 330 20.74 -12.40 -16.33
CA TYR B 330 20.60 -13.76 -15.79
C TYR B 330 20.11 -14.77 -16.85
N THR B 331 19.13 -14.37 -17.64
CA THR B 331 18.35 -15.32 -18.46
C THR B 331 17.68 -14.53 -19.59
N PRO B 332 17.39 -15.20 -20.73
CA PRO B 332 16.71 -14.45 -21.81
C PRO B 332 15.22 -14.26 -21.52
N MET B 333 14.58 -13.37 -22.25
CA MET B 333 13.12 -13.26 -22.19
C MET B 333 12.54 -13.79 -23.50
N ARG B 334 12.06 -15.03 -23.47
CA ARG B 334 11.53 -15.64 -24.69
C ARG B 334 10.06 -15.26 -24.84
N VAL B 335 9.70 -14.71 -26.00
CA VAL B 335 8.33 -14.23 -26.20
C VAL B 335 7.68 -14.77 -27.48
N ALA B 336 6.36 -14.90 -27.43
CA ALA B 336 5.56 -15.20 -28.60
C ALA B 336 4.48 -14.14 -28.76
N ASP B 337 4.02 -13.92 -30.00
CA ASP B 337 2.91 -13.01 -30.25
C ASP B 337 1.70 -13.48 -29.46
N ASP B 338 0.92 -12.54 -28.96
CA ASP B 338 -0.36 -12.87 -28.35
C ASP B 338 -1.47 -12.21 -29.17
N ALA B 339 -2.29 -13.05 -29.79
CA ALA B 339 -3.32 -12.58 -30.71
C ALA B 339 -4.65 -12.30 -30.01
N THR B 340 -4.70 -12.57 -28.71
CA THR B 340 -5.93 -12.34 -27.93
C THR B 340 -6.45 -10.93 -28.11
N GLU B 341 -7.76 -10.81 -28.34
CA GLU B 341 -8.40 -9.52 -28.57
C GLU B 341 -8.27 -8.60 -27.36
N GLY B 342 -7.89 -7.35 -27.61
CA GLY B 342 -7.80 -6.35 -26.57
C GLY B 342 -6.49 -6.35 -25.79
N ALA B 343 -5.68 -7.40 -25.98
CA ALA B 343 -4.43 -7.56 -25.25
C ALA B 343 -3.57 -6.31 -25.31
N GLU B 344 -3.26 -5.76 -24.15
CA GLU B 344 -2.49 -4.53 -24.04
C GLU B 344 -1.10 -4.67 -24.66
N PHE B 345 -0.62 -3.60 -25.30
CA PHE B 345 0.78 -3.52 -25.74
C PHE B 345 1.66 -3.97 -24.59
N PRO B 346 2.70 -4.76 -24.87
CA PRO B 346 3.22 -5.17 -26.17
C PRO B 346 2.56 -6.41 -26.78
N ALA B 347 1.47 -6.90 -26.18
CA ALA B 347 0.73 -8.05 -26.71
C ALA B 347 1.60 -9.30 -26.98
N THR B 348 2.32 -9.76 -25.97
CA THR B 348 3.14 -10.96 -26.09
C THR B 348 2.79 -11.95 -24.99
N LYS B 349 3.24 -13.18 -25.16
CA LYS B 349 3.14 -14.16 -24.08
C LYS B 349 4.51 -14.82 -23.91
N GLN B 350 4.73 -15.40 -22.74
CA GLN B 350 5.94 -16.15 -22.46
C GLN B 350 6.07 -17.33 -23.42
N ALA B 351 7.27 -17.55 -23.93
CA ALA B 351 7.56 -18.72 -24.77
C ALA B 351 8.42 -19.67 -23.95
N PRO B 352 8.43 -20.97 -24.31
CA PRO B 352 9.14 -21.94 -23.45
C PRO B 352 10.66 -21.85 -23.57
N ALA B 353 11.37 -22.38 -22.58
CA ALA B 353 12.83 -22.43 -22.63
C ALA B 353 13.30 -23.35 -23.75
N VAL B 354 14.48 -23.05 -24.29
CA VAL B 354 15.13 -23.91 -25.27
C VAL B 354 16.11 -24.84 -24.55
N SER B 355 17.02 -24.24 -23.79
CA SER B 355 17.91 -24.99 -22.93
C SER B 355 17.14 -25.79 -21.89
N ASP B 356 17.75 -26.86 -21.41
CA ASP B 356 17.11 -27.68 -20.38
C ASP B 356 17.73 -27.43 -19.02
N VAL B 357 18.78 -26.62 -18.99
CA VAL B 357 19.45 -26.26 -17.73
C VAL B 357 18.63 -25.21 -16.99
N LYS B 358 18.50 -25.35 -15.67
CA LYS B 358 17.60 -24.52 -14.88
C LYS B 358 18.23 -24.22 -13.54
N THR B 359 18.21 -22.96 -13.10
CA THR B 359 18.64 -22.66 -11.74
C THR B 359 17.52 -23.01 -10.77
N ASP B 360 17.82 -23.05 -9.47
CA ASP B 360 16.82 -23.47 -8.48
C ASP B 360 15.63 -22.52 -8.35
N ILE B 361 15.75 -21.33 -8.94
CA ILE B 361 14.66 -20.36 -8.93
C ILE B 361 13.83 -20.48 -10.22
N GLY B 362 14.25 -21.37 -11.10
CA GLY B 362 13.50 -21.66 -12.32
C GLY B 362 13.95 -20.97 -13.59
N TRP B 363 15.06 -20.24 -13.52
CA TRP B 363 15.49 -19.44 -14.66
C TRP B 363 16.36 -20.27 -15.61
N GLU B 364 16.01 -20.22 -16.89
CA GLU B 364 16.77 -20.90 -17.94
C GLU B 364 18.21 -20.40 -17.94
N VAL B 365 19.16 -21.34 -17.95
CA VAL B 365 20.56 -20.99 -18.14
C VAL B 365 20.82 -21.03 -19.64
N TYR B 366 21.07 -19.87 -20.23
CA TYR B 366 21.38 -19.78 -21.66
C TYR B 366 22.35 -18.63 -21.98
N ALA B 367 23.62 -18.88 -21.77
CA ALA B 367 24.66 -17.85 -21.88
C ALA B 367 24.74 -17.05 -23.19
N PRO B 368 24.52 -17.68 -24.36
CA PRO B 368 24.73 -16.85 -25.55
C PRO B 368 23.72 -15.70 -25.71
N ALA B 369 22.64 -15.72 -24.95
CA ALA B 369 21.70 -14.60 -24.96
C ALA B 369 22.35 -13.32 -24.42
N LEU B 370 23.35 -13.48 -23.55
CA LEU B 370 24.11 -12.34 -23.08
C LEU B 370 24.82 -11.69 -24.26
N HIS B 371 25.42 -12.53 -25.12
CA HIS B 371 26.13 -12.03 -26.28
C HIS B 371 25.27 -11.25 -27.26
N SER B 372 24.14 -11.83 -27.65
CA SER B 372 23.25 -11.16 -28.61
C SER B 372 22.65 -9.89 -28.03
N LEU B 373 22.38 -9.89 -26.73
CA LEU B 373 21.88 -8.69 -26.04
C LEU B 373 22.84 -7.50 -26.16
N VAL B 374 24.09 -7.71 -25.71
CA VAL B 374 25.09 -6.63 -25.78
C VAL B 374 25.25 -6.18 -27.21
N GLU B 375 25.35 -7.15 -28.12
CA GLU B 375 25.44 -6.87 -29.53
C GLU B 375 24.27 -5.99 -29.99
N THR B 376 23.05 -6.38 -29.62
CA THR B 376 21.85 -5.62 -30.02
C THR B 376 21.89 -4.19 -29.45
N LEU B 377 22.24 -4.06 -28.18
CA LEU B 377 22.18 -2.75 -27.52
C LEU B 377 23.13 -1.75 -28.14
N TYR B 378 24.38 -2.15 -28.36
CA TYR B 378 25.37 -1.25 -28.94
C TYR B 378 25.09 -0.91 -30.40
N GLU B 379 24.33 -1.77 -31.07
CA GLU B 379 23.91 -1.50 -32.43
C GLU B 379 22.76 -0.49 -32.43
N ARG B 380 21.86 -0.64 -31.45
CA ARG B 380 20.66 0.18 -31.39
C ARG B 380 20.89 1.51 -30.69
N TYR B 381 21.80 1.54 -29.71
CA TYR B 381 22.02 2.75 -28.92
C TYR B 381 23.46 3.19 -28.89
N GLU B 382 23.64 4.49 -28.63
CA GLU B 382 24.97 5.05 -28.40
C GLU B 382 25.22 5.03 -26.90
N LEU B 383 26.04 4.07 -26.46
CA LEU B 383 26.19 3.78 -25.04
C LEU B 383 27.63 4.05 -24.58
N PRO B 384 27.79 4.40 -23.29
CA PRO B 384 29.12 4.59 -22.72
C PRO B 384 29.71 3.22 -22.36
N ASP B 385 30.84 3.20 -21.67
CA ASP B 385 31.44 1.96 -21.17
C ASP B 385 30.43 1.11 -20.42
N CYS B 386 30.61 -0.21 -20.46
CA CYS B 386 29.66 -1.13 -19.84
C CYS B 386 30.31 -1.93 -18.70
N TYR B 387 29.66 -1.95 -17.55
CA TYR B 387 30.00 -2.91 -16.49
C TYR B 387 28.85 -3.90 -16.34
N ILE B 388 29.16 -5.20 -16.27
CA ILE B 388 28.16 -6.18 -15.90
C ILE B 388 27.95 -6.02 -14.39
N THR B 389 26.85 -5.40 -13.99
CA THR B 389 26.68 -5.07 -12.57
C THR B 389 25.99 -6.16 -11.77
N GLU B 390 25.37 -7.11 -12.46
CA GLU B 390 24.87 -8.32 -11.81
C GLU B 390 24.94 -9.48 -12.79
N ASN B 391 25.48 -10.59 -12.30
CA ASN B 391 25.39 -11.86 -13.02
C ASN B 391 25.61 -12.97 -12.00
N GLY B 392 24.77 -14.00 -12.04
CA GLY B 392 24.85 -15.03 -11.04
C GLY B 392 23.71 -16.02 -11.17
N ALA B 393 23.62 -16.96 -10.22
CA ALA B 393 22.68 -18.05 -10.33
C ALA B 393 22.18 -18.49 -8.98
N CYS B 394 20.89 -18.82 -8.91
CA CYS B 394 20.31 -19.37 -7.70
C CYS B 394 20.54 -20.88 -7.63
N TYR B 395 21.26 -21.31 -6.59
CA TYR B 395 21.45 -22.73 -6.28
C TYR B 395 21.52 -22.86 -4.76
N ASN B 396 20.66 -23.70 -4.21
CA ASN B 396 20.40 -23.68 -2.77
C ASN B 396 21.17 -24.63 -1.88
N MET B 397 22.24 -25.25 -2.39
CA MET B 397 23.02 -26.14 -1.54
C MET B 397 23.65 -25.41 -0.37
N GLY B 398 23.71 -26.08 0.77
CA GLY B 398 24.26 -25.53 1.98
C GLY B 398 25.62 -26.09 2.35
N VAL B 399 25.95 -26.03 3.65
CA VAL B 399 27.26 -26.42 4.17
C VAL B 399 27.34 -27.89 4.60
N GLU B 400 28.34 -28.59 4.07
CA GLU B 400 28.66 -29.96 4.47
C GLU B 400 30.18 -30.09 4.60
N ASN B 401 30.65 -30.61 5.73
CA ASN B 401 32.08 -30.74 5.99
C ASN B 401 32.79 -29.38 5.89
N GLY B 402 32.11 -28.35 6.39
CA GLY B 402 32.65 -26.99 6.39
C GLY B 402 32.80 -26.39 5.01
N GLU B 403 32.19 -27.02 4.01
CA GLU B 403 32.31 -26.56 2.62
C GLU B 403 30.94 -26.51 1.94
N VAL B 404 30.85 -25.81 0.81
CA VAL B 404 29.63 -25.78 0.02
C VAL B 404 29.96 -26.14 -1.42
N ASP B 405 29.50 -27.31 -1.86
CA ASP B 405 29.74 -27.76 -3.23
C ASP B 405 28.65 -27.27 -4.17
N ASP B 406 28.89 -26.12 -4.77
CA ASP B 406 27.92 -25.53 -5.69
C ASP B 406 28.49 -25.49 -7.09
N GLN B 407 28.95 -26.64 -7.58
CA GLN B 407 29.47 -26.74 -8.93
C GLN B 407 28.58 -26.11 -10.04
N PRO B 408 27.23 -26.24 -9.94
CA PRO B 408 26.45 -25.60 -11.01
C PRO B 408 26.59 -24.07 -11.06
N ARG B 409 26.82 -23.43 -9.91
CA ARG B 409 27.06 -21.99 -9.88
C ARG B 409 28.44 -21.67 -10.48
N LEU B 410 29.44 -22.45 -10.11
CA LEU B 410 30.78 -22.31 -10.71
C LEU B 410 30.67 -22.41 -12.24
N ASP B 411 30.00 -23.46 -12.73
CA ASP B 411 29.79 -23.64 -14.16
C ASP B 411 29.08 -22.45 -14.79
N TYR B 412 28.07 -21.93 -14.09
CA TYR B 412 27.35 -20.77 -14.60
C TYR B 412 28.32 -19.61 -14.76
N TYR B 413 29.15 -19.37 -13.77
CA TYR B 413 30.10 -18.26 -13.83
C TYR B 413 31.14 -18.43 -14.93
N ALA B 414 31.75 -19.61 -14.99
CA ALA B 414 32.75 -19.90 -16.04
C ALA B 414 32.17 -19.66 -17.43
N GLU B 415 30.95 -20.15 -17.66
CA GLU B 415 30.31 -19.99 -18.95
C GLU B 415 30.01 -18.54 -19.33
N HIS B 416 29.42 -17.78 -18.41
CA HIS B 416 29.01 -16.42 -18.75
C HIS B 416 30.21 -15.47 -18.80
N LEU B 417 31.21 -15.71 -17.95
CA LEU B 417 32.45 -14.95 -18.06
C LEU B 417 33.18 -15.22 -19.37
N GLY B 418 33.04 -16.44 -19.89
CA GLY B 418 33.52 -16.74 -21.23
C GLY B 418 32.85 -15.87 -22.27
N ILE B 419 31.56 -15.62 -22.11
CA ILE B 419 30.82 -14.77 -23.04
C ILE B 419 31.32 -13.34 -22.95
N VAL B 420 31.50 -12.87 -21.72
CA VAL B 420 31.98 -11.51 -21.48
C VAL B 420 33.37 -11.35 -22.11
N ALA B 421 34.21 -12.38 -22.02
CA ALA B 421 35.52 -12.34 -22.67
C ALA B 421 35.40 -12.28 -24.21
N ASP B 422 34.42 -12.99 -24.76
CA ASP B 422 34.13 -12.94 -26.19
C ASP B 422 33.76 -11.51 -26.61
N LEU B 423 32.92 -10.86 -25.81
CA LEU B 423 32.49 -9.49 -26.10
C LEU B 423 33.68 -8.52 -26.08
N VAL B 424 34.60 -8.75 -25.15
CA VAL B 424 35.84 -7.99 -25.10
C VAL B 424 36.64 -8.19 -26.41
N LYS B 425 36.80 -9.45 -26.80
CA LYS B 425 37.50 -9.78 -28.04
C LYS B 425 36.80 -9.18 -29.26
N ASP B 426 35.46 -9.13 -29.21
CA ASP B 426 34.69 -8.54 -30.29
C ASP B 426 34.82 -7.01 -30.35
N GLY B 427 35.37 -6.40 -29.30
CA GLY B 427 35.62 -4.97 -29.32
C GLY B 427 34.61 -4.10 -28.56
N TYR B 428 33.71 -4.73 -27.82
CA TYR B 428 32.76 -3.98 -27.00
C TYR B 428 33.43 -3.47 -25.71
N PRO B 429 33.05 -2.25 -25.27
CA PRO B 429 33.69 -1.61 -24.11
C PRO B 429 33.26 -2.18 -22.76
N MET B 430 33.46 -3.49 -22.59
CA MET B 430 33.20 -4.15 -21.33
C MET B 430 34.35 -3.87 -20.37
N ARG B 431 34.10 -3.08 -19.33
CA ARG B 431 35.18 -2.63 -18.45
C ARG B 431 35.23 -3.37 -17.14
N GLY B 432 34.17 -4.12 -16.82
CA GLY B 432 34.16 -4.83 -15.55
C GLY B 432 32.98 -5.76 -15.34
N TYR B 433 32.98 -6.46 -14.22
CA TYR B 433 32.02 -7.52 -13.97
C TYR B 433 31.80 -7.69 -12.47
N PHE B 434 30.54 -7.65 -12.04
CA PHE B 434 30.19 -7.86 -10.64
C PHE B 434 29.32 -9.10 -10.50
N ALA B 435 29.77 -10.02 -9.65
CA ALA B 435 28.99 -11.21 -9.36
C ALA B 435 27.86 -10.88 -8.39
N TRP B 436 26.65 -11.25 -8.82
CA TRP B 436 25.48 -11.10 -8.00
C TRP B 436 25.40 -12.27 -7.12
N SER B 437 25.77 -11.75 -6.00
CA SER B 437 25.92 -12.04 -4.71
C SER B 437 27.14 -12.42 -4.01
N LEU B 438 27.65 -11.44 -3.29
CA LEU B 438 28.74 -11.67 -2.43
C LEU B 438 28.24 -12.72 -1.49
N MET B 439 26.97 -12.62 -1.06
CA MET B 439 26.50 -13.62 -0.10
C MET B 439 25.00 -13.88 -0.23
N ASP B 440 24.55 -15.03 0.28
CA ASP B 440 23.13 -15.34 0.25
C ASP B 440 22.40 -14.26 1.03
N ASN B 441 21.23 -13.85 0.56
CA ASN B 441 20.52 -12.76 1.20
C ASN B 441 19.02 -12.84 0.94
N PHE B 442 18.31 -11.78 1.33
CA PHE B 442 16.87 -11.71 1.13
C PHE B 442 16.58 -11.52 -0.37
N GLU B 443 15.98 -12.52 -1.00
CA GLU B 443 15.72 -12.45 -2.44
C GLU B 443 14.29 -12.00 -2.74
N TRP B 444 13.98 -10.79 -2.29
CA TRP B 444 12.73 -10.11 -2.64
C TRP B 444 11.51 -11.00 -2.40
N ALA B 445 10.67 -11.17 -3.41
CA ALA B 445 9.42 -11.96 -3.22
C ALA B 445 9.67 -13.43 -2.85
N GLU B 446 10.89 -13.91 -3.09
CA GLU B 446 11.23 -15.28 -2.77
C GLU B 446 11.67 -15.45 -1.32
N GLY B 447 11.87 -14.34 -0.61
CA GLY B 447 12.43 -14.41 0.72
C GLY B 447 13.83 -15.02 0.75
N TYR B 448 14.16 -15.70 1.84
CA TYR B 448 15.51 -16.23 2.03
C TYR B 448 15.74 -17.62 1.45
N ARG B 449 14.71 -18.17 0.80
CA ARG B 449 14.80 -19.52 0.24
C ARG B 449 15.69 -19.61 -1.01
N MET B 450 15.78 -18.52 -1.77
CA MET B 450 16.56 -18.55 -2.99
C MET B 450 17.95 -17.94 -2.79
N ARG B 451 18.97 -18.81 -2.71
CA ARG B 451 20.34 -18.37 -2.43
C ARG B 451 21.13 -18.04 -3.71
N PHE B 452 21.72 -16.86 -3.77
CA PHE B 452 22.49 -16.39 -4.93
C PHE B 452 23.98 -16.15 -4.58
N GLY B 453 24.33 -16.39 -3.32
CA GLY B 453 25.63 -15.99 -2.82
C GLY B 453 26.84 -16.77 -3.33
N LEU B 454 27.98 -16.08 -3.40
CA LEU B 454 29.28 -16.74 -3.52
C LEU B 454 29.73 -17.18 -2.14
N VAL B 455 29.14 -16.55 -1.12
CA VAL B 455 29.41 -16.88 0.27
C VAL B 455 28.09 -17.37 0.88
N HIS B 456 28.14 -18.49 1.58
CA HIS B 456 26.95 -19.01 2.26
C HIS B 456 26.73 -18.31 3.59
N VAL B 457 25.48 -17.93 3.86
CA VAL B 457 25.13 -17.39 5.15
C VAL B 457 24.18 -18.37 5.84
N ASP B 458 24.52 -18.75 7.07
CA ASP B 458 23.61 -19.51 7.91
C ASP B 458 22.81 -18.47 8.68
N TYR B 459 21.51 -18.38 8.42
CA TYR B 459 20.72 -17.29 9.00
C TYR B 459 20.53 -17.39 10.52
N GLU B 460 20.79 -18.57 11.08
CA GLU B 460 20.67 -18.78 12.52
C GLU B 460 21.91 -18.30 13.26
N THR B 461 23.07 -18.50 12.64
CA THR B 461 24.34 -18.19 13.27
C THR B 461 25.03 -17.00 12.63
N GLN B 462 24.58 -16.63 11.44
CA GLN B 462 25.21 -15.56 10.64
C GLN B 462 26.64 -15.87 10.21
N VAL B 463 27.04 -17.15 10.31
CA VAL B 463 28.34 -17.59 9.82
C VAL B 463 28.43 -17.48 8.30
N ARG B 464 29.50 -16.87 7.81
CA ARG B 464 29.77 -16.82 6.38
C ARG B 464 30.67 -18.00 6.03
N THR B 465 30.35 -18.72 4.95
CA THR B 465 31.19 -19.79 4.46
C THR B 465 31.40 -19.59 2.97
N LEU B 466 32.64 -19.35 2.57
CA LEU B 466 32.95 -19.18 1.15
C LEU B 466 32.60 -20.47 0.40
N LYS B 467 31.84 -20.35 -0.68
CA LYS B 467 31.44 -21.53 -1.46
C LYS B 467 32.52 -21.87 -2.48
N ASN B 468 32.43 -23.05 -3.11
CA ASN B 468 33.41 -23.41 -4.13
C ASN B 468 33.40 -22.45 -5.30
N SER B 469 32.22 -21.96 -5.65
CA SER B 469 32.11 -20.92 -6.66
C SER B 469 32.88 -19.69 -6.20
N GLY B 470 32.79 -19.37 -4.91
CA GLY B 470 33.48 -18.23 -4.34
C GLY B 470 35.00 -18.39 -4.40
N LYS B 471 35.48 -19.59 -4.06
CA LYS B 471 36.89 -19.89 -4.12
C LYS B 471 37.40 -19.76 -5.53
N TRP B 472 36.58 -20.20 -6.49
CA TRP B 472 36.94 -20.12 -7.89
C TRP B 472 36.96 -18.68 -8.35
N TYR B 473 35.92 -17.93 -7.98
CA TYR B 473 35.83 -16.53 -8.38
C TYR B 473 36.97 -15.72 -7.74
N SER B 474 37.26 -16.02 -6.47
CA SER B 474 38.39 -15.39 -5.77
C SER B 474 39.70 -15.60 -6.52
N ALA B 475 39.96 -16.84 -6.95
CA ALA B 475 41.19 -17.15 -7.69
C ALA B 475 41.28 -16.36 -9.00
N LEU B 476 40.16 -16.28 -9.73
CA LEU B 476 40.12 -15.48 -10.95
C LEU B 476 40.37 -14.00 -10.66
N ALA B 477 39.64 -13.44 -9.71
CA ALA B 477 39.69 -12.00 -9.44
C ALA B 477 41.03 -11.57 -8.86
N SER B 478 41.58 -12.39 -7.98
CA SER B 478 42.84 -12.10 -7.28
C SER B 478 44.01 -11.65 -8.16
N GLY B 479 44.02 -12.08 -9.41
CA GLY B 479 45.12 -11.75 -10.31
C GLY B 479 44.88 -10.48 -11.09
N PHE B 480 43.87 -9.72 -10.69
CA PHE B 480 43.59 -8.44 -11.32
C PHE B 480 43.68 -7.30 -10.29
N PRO B 481 44.23 -6.14 -10.68
CA PRO B 481 44.90 -5.90 -11.96
C PRO B 481 46.20 -6.70 -12.10
N LYS B 482 46.54 -7.06 -13.34
CA LYS B 482 47.62 -8.02 -13.61
C LYS B 482 49.01 -7.51 -13.23
#